data_6I5X
#
_entry.id   6I5X
#
_cell.length_a   80.425
_cell.length_b   102.024
_cell.length_c   137.791
_cell.angle_alpha   90.00
_cell.angle_beta   90.00
_cell.angle_gamma   90.00
#
_symmetry.space_group_name_H-M   'P 21 21 21'
#
loop_
_entity.id
_entity.type
_entity.pdbx_description
1 polymer Phosphomannomutase
2 non-polymer 'MAGNESIUM ION'
3 non-polymer 'CHLORIDE ION'
4 non-polymer DI(HYDROXYETHYL)ETHER
5 water water
#
_entity_poly.entity_id   1
_entity_poly.type   'polypeptide(L)'
_entity_poly.pdbx_seq_one_letter_code
;GSALQDRPIKNTICLFDVDETLTPARRAVTPEMLMLLSQLRHKCAIGYVGGSNLAKQQEQLGTGATDVTSLFDFCFPENG
LMAFRLGKPLASTSFIEWIGEEKYQKLVNFILRYFADLQLPKKRGTFIEFRNGMINVSPIGRNASVEERNEFEAYDKEHH
IRTDMVNALKKEFPDYGLTYSIGGQISFDVFPTGWDKTYCLRHVEAEKEISGVEYTTIHFFGDKCFPGGNDYEIYSDPRT
IGHSVHGPEDTMKQLKELFQL
;
_entity_poly.pdbx_strand_id   A,B,C,D
#
# COMPACT_ATOMS: atom_id res chain seq x y z
N SER A 2 33.01 1.61 8.98
CA SER A 2 31.67 1.08 8.59
C SER A 2 30.57 1.71 9.45
N ALA A 3 30.40 1.35 10.73
CA ALA A 3 29.55 2.30 11.49
C ALA A 3 30.17 3.70 11.39
N LEU A 4 29.31 4.69 11.33
CA LEU A 4 29.67 6.11 11.21
C LEU A 4 30.69 6.51 12.29
N GLN A 5 30.57 5.97 13.49
CA GLN A 5 31.47 6.33 14.59
C GLN A 5 32.87 5.69 14.41
N ASP A 6 33.03 4.76 13.46
CA ASP A 6 34.32 4.12 13.21
C ASP A 6 35.11 4.68 12.04
N ARG A 7 34.55 5.63 11.29
CA ARG A 7 35.26 6.22 10.17
C ARG A 7 36.44 7.00 10.75
N PRO A 8 37.65 6.83 10.17
CA PRO A 8 38.86 7.38 10.82
C PRO A 8 38.96 8.92 10.77
N ILE A 9 38.45 9.55 9.71
CA ILE A 9 38.40 10.99 9.64
C ILE A 9 37.12 11.45 10.35
N LYS A 10 37.33 11.79 11.62
CA LYS A 10 36.29 12.03 12.57
C LYS A 10 35.54 13.31 12.26
N ASN A 11 34.25 13.31 12.59
CA ASN A 11 33.41 14.49 12.56
C ASN A 11 33.28 15.08 11.17
N THR A 12 33.50 14.26 10.14
CA THR A 12 33.62 14.76 8.79
C THR A 12 32.61 14.02 7.88
N ILE A 13 31.91 14.81 7.07
CA ILE A 13 30.99 14.29 6.05
C ILE A 13 31.17 15.07 4.76
N CYS A 14 31.10 14.39 3.61
CA CYS A 14 31.04 15.02 2.30
C CYS A 14 29.66 14.84 1.71
N LEU A 15 29.01 15.96 1.34
CA LEU A 15 27.71 15.99 0.71
C LEU A 15 27.85 16.45 -0.74
N PHE A 16 27.23 15.73 -1.65
CA PHE A 16 27.32 16.07 -3.07
C PHE A 16 25.97 16.36 -3.66
N ASP A 17 25.89 17.44 -4.41
CA ASP A 17 24.85 17.62 -5.42
C ASP A 17 24.98 16.46 -6.43
N VAL A 18 23.88 16.10 -7.11
CA VAL A 18 23.95 15.02 -8.09
C VAL A 18 24.24 15.57 -9.51
N ASP A 19 23.25 16.25 -10.10
CA ASP A 19 23.34 16.62 -11.53
C ASP A 19 24.44 17.65 -11.80
N GLU A 20 25.37 17.26 -12.65
CA GLU A 20 26.57 18.00 -13.01
C GLU A 20 27.57 18.18 -11.87
N THR A 21 27.47 17.34 -10.85
CA THR A 21 28.44 17.30 -9.77
C THR A 21 28.98 15.87 -9.66
N LEU A 22 28.08 14.90 -9.41
CA LEU A 22 28.44 13.50 -9.46
C LEU A 22 28.31 12.85 -10.85
N THR A 23 27.35 13.33 -11.64
CA THR A 23 27.02 12.71 -12.94
C THR A 23 26.77 13.81 -13.95
N PRO A 24 26.88 13.51 -15.27
CA PRO A 24 26.31 14.48 -16.19
C PRO A 24 24.80 14.64 -15.94
N ALA A 25 24.26 15.81 -16.25
CA ALA A 25 22.86 16.12 -15.91
C ALA A 25 21.96 15.02 -16.47
N ARG A 26 21.23 14.34 -15.59
CA ARG A 26 20.23 13.31 -15.94
C ARG A 26 20.81 12.14 -16.75
N ARG A 27 22.11 11.86 -16.59
CA ARG A 27 22.77 10.71 -17.20
C ARG A 27 23.57 9.96 -16.14
N ALA A 28 24.22 8.88 -16.54
CA ALA A 28 24.69 7.90 -15.59
C ALA A 28 26.07 8.32 -15.00
N VAL A 29 26.26 8.01 -13.75
CA VAL A 29 27.56 8.13 -13.10
C VAL A 29 28.59 7.33 -13.86
N THR A 30 29.83 7.77 -13.79
CA THR A 30 30.95 7.01 -14.39
C THR A 30 31.51 6.03 -13.36
N PRO A 31 32.15 4.95 -13.80
CA PRO A 31 32.77 3.98 -12.86
C PRO A 31 33.85 4.62 -11.98
N GLU A 32 34.60 5.56 -12.57
CA GLU A 32 35.65 6.28 -11.85
C GLU A 32 35.10 7.07 -10.67
N MET A 33 33.98 7.74 -10.83
CA MET A 33 33.31 8.45 -9.74
C MET A 33 32.82 7.51 -8.65
N LEU A 34 32.17 6.42 -9.03
CA LEU A 34 31.74 5.45 -8.02
C LEU A 34 32.94 4.89 -7.24
N MET A 35 34.02 4.60 -7.96
CA MET A 35 35.22 4.10 -7.28
C MET A 35 35.73 5.13 -6.25
N LEU A 36 35.83 6.38 -6.68
CA LEU A 36 36.28 7.48 -5.80
C LEU A 36 35.33 7.66 -4.59
N LEU A 37 34.02 7.61 -4.81
CA LEU A 37 33.09 7.72 -3.71
C LEU A 37 33.30 6.60 -2.70
N SER A 38 33.47 5.38 -3.18
CA SER A 38 33.68 4.26 -2.28
C SER A 38 34.97 4.42 -1.46
N GLN A 39 36.03 4.90 -2.10
CA GLN A 39 37.30 5.18 -1.40
C GLN A 39 37.10 6.24 -0.34
N LEU A 40 36.40 7.29 -0.72
CA LEU A 40 36.12 8.37 0.22
C LEU A 40 35.35 7.85 1.43
N ARG A 41 34.42 6.95 1.16
CA ARG A 41 33.58 6.38 2.19
C ARG A 41 34.33 5.58 3.28
N HIS A 42 35.52 5.07 2.96
CA HIS A 42 36.40 4.42 3.99
C HIS A 42 37.09 5.45 4.88
N LYS A 43 37.13 6.72 4.47
CA LYS A 43 37.70 7.78 5.31
C LYS A 43 36.66 8.52 6.15
N CYS A 44 35.54 8.90 5.53
CA CYS A 44 34.53 9.72 6.21
C CYS A 44 33.11 9.37 5.74
N ALA A 45 32.12 10.06 6.31
CA ALA A 45 30.74 9.91 5.90
C ALA A 45 30.56 10.57 4.53
N ILE A 46 29.74 9.98 3.68
CA ILE A 46 29.33 10.58 2.44
C ILE A 46 27.82 10.58 2.26
N GLY A 47 27.35 11.58 1.52
CA GLY A 47 25.95 11.66 1.16
C GLY A 47 25.71 12.47 -0.07
N TYR A 48 24.50 12.38 -0.62
CA TYR A 48 24.14 13.25 -1.73
C TYR A 48 22.88 13.98 -1.34
N VAL A 49 22.71 15.13 -1.99
CA VAL A 49 21.49 15.90 -1.83
C VAL A 49 21.12 16.45 -3.21
N GLY A 50 19.92 16.12 -3.67
CA GLY A 50 19.49 16.52 -5.01
C GLY A 50 18.02 16.87 -5.00
N GLY A 51 17.62 17.70 -5.97
CA GLY A 51 16.23 18.16 -6.06
C GLY A 51 15.25 17.08 -6.47
N SER A 52 15.68 16.13 -7.30
CA SER A 52 14.77 15.14 -7.88
C SER A 52 14.50 14.00 -6.91
N ASN A 53 13.55 13.15 -7.29
CA ASN A 53 13.11 12.05 -6.45
C ASN A 53 14.12 10.89 -6.51
N LEU A 54 13.92 9.95 -5.60
CA LEU A 54 14.80 8.81 -5.45
C LEU A 54 14.99 8.04 -6.75
N ALA A 55 13.90 7.83 -7.50
CA ALA A 55 13.94 7.04 -8.74
C ALA A 55 14.94 7.58 -9.72
N LYS A 56 15.05 8.91 -9.81
CA LYS A 56 16.04 9.54 -10.66
C LYS A 56 17.45 9.21 -10.20
N GLN A 57 17.70 9.32 -8.87
CA GLN A 57 19.05 9.02 -8.38
C GLN A 57 19.38 7.53 -8.61
N GLN A 58 18.35 6.68 -8.48
CA GLN A 58 18.53 5.26 -8.69
C GLN A 58 18.92 4.97 -10.14
N GLU A 59 18.36 5.72 -11.08
CA GLU A 59 18.71 5.50 -12.50
C GLU A 59 20.09 6.09 -12.83
N GLN A 60 20.48 7.22 -12.23
CA GLN A 60 21.77 7.81 -12.55
C GLN A 60 22.93 7.17 -11.78
N LEU A 61 22.70 6.74 -10.54
CA LEU A 61 23.78 6.26 -9.66
C LEU A 61 23.76 4.74 -9.34
N GLY A 62 22.58 4.13 -9.39
CA GLY A 62 22.45 2.71 -9.13
C GLY A 62 22.33 1.87 -10.38
N THR A 63 21.94 0.62 -10.17
CA THR A 63 21.67 -0.34 -11.24
C THR A 63 20.56 -1.29 -10.76
N GLY A 64 20.17 -2.27 -11.60
CA GLY A 64 19.28 -3.36 -11.18
C GLY A 64 19.83 -4.20 -10.03
N ALA A 65 21.15 -4.33 -9.95
CA ALA A 65 21.79 -5.06 -8.85
C ALA A 65 22.16 -4.21 -7.68
N THR A 66 22.27 -2.89 -7.85
CA THR A 66 22.72 -2.01 -6.78
C THR A 66 21.73 -0.87 -6.48
N ASP A 67 21.14 -0.91 -5.30
CA ASP A 67 20.28 0.13 -4.77
C ASP A 67 21.19 1.33 -4.44
N VAL A 68 20.84 2.52 -4.95
CA VAL A 68 21.60 3.74 -4.66
C VAL A 68 21.76 4.01 -3.17
N THR A 69 20.82 3.59 -2.33
CA THR A 69 20.90 3.85 -0.91
C THR A 69 22.03 3.05 -0.22
N SER A 70 22.56 2.02 -0.93
CA SER A 70 23.68 1.23 -0.45
C SER A 70 25.00 1.92 -0.67
N LEU A 71 25.02 2.94 -1.52
CA LEU A 71 26.25 3.59 -1.95
C LEU A 71 26.60 4.83 -1.13
N PHE A 72 25.68 5.31 -0.31
CA PHE A 72 25.91 6.51 0.47
C PHE A 72 25.40 6.31 1.87
N ASP A 73 26.08 6.93 2.82
CA ASP A 73 25.63 6.90 4.19
C ASP A 73 24.31 7.65 4.36
N PHE A 74 24.20 8.79 3.65
CA PHE A 74 23.00 9.61 3.67
C PHE A 74 22.57 9.88 2.23
N CYS A 75 21.30 9.59 1.92
CA CYS A 75 20.70 9.93 0.64
C CYS A 75 19.59 10.96 0.89
N PHE A 76 19.66 12.10 0.22
CA PHE A 76 18.70 13.17 0.40
C PHE A 76 18.05 13.58 -0.92
N PRO A 77 17.20 12.69 -1.49
CA PRO A 77 16.39 13.14 -2.61
C PRO A 77 15.50 14.31 -2.15
N GLU A 78 15.07 15.13 -3.11
CA GLU A 78 14.08 16.18 -2.84
C GLU A 78 14.58 17.15 -1.74
N ASN A 79 15.87 17.50 -1.85
CA ASN A 79 16.54 18.43 -0.92
C ASN A 79 16.59 17.95 0.53
N GLY A 80 16.33 16.65 0.75
CA GLY A 80 16.24 16.12 2.08
C GLY A 80 14.87 16.03 2.69
N LEU A 81 13.84 16.40 1.94
CA LEU A 81 12.45 16.14 2.36
C LEU A 81 12.20 14.64 2.40
N MET A 82 12.92 13.89 1.58
CA MET A 82 13.09 12.45 1.76
C MET A 82 14.52 12.18 2.22
N ALA A 83 14.68 11.17 3.05
CA ALA A 83 16.00 10.91 3.59
C ALA A 83 16.19 9.50 3.99
N PHE A 84 17.38 9.00 3.68
CA PHE A 84 17.84 7.68 4.07
C PHE A 84 19.18 7.79 4.81
N ARG A 85 19.29 7.02 5.88
CA ARG A 85 20.48 6.86 6.66
C ARG A 85 20.84 5.38 6.61
N LEU A 86 21.98 5.06 6.01
CA LEU A 86 22.45 3.66 5.85
C LEU A 86 21.37 2.75 5.31
N GLY A 87 20.62 3.23 4.33
CA GLY A 87 19.56 2.42 3.70
C GLY A 87 18.22 2.44 4.37
N LYS A 88 18.09 3.10 5.52
CA LYS A 88 16.80 3.13 6.23
C LYS A 88 16.17 4.49 6.07
N PRO A 89 14.85 4.51 5.78
CA PRO A 89 14.16 5.79 5.60
C PRO A 89 14.06 6.55 6.91
N LEU A 90 14.31 7.84 6.86
CA LEU A 90 14.16 8.70 8.02
C LEU A 90 12.78 9.35 7.98
N ALA A 91 12.27 9.67 9.17
CA ALA A 91 11.01 10.38 9.31
C ALA A 91 11.12 11.70 8.59
N SER A 92 10.03 12.09 7.93
CA SER A 92 9.99 13.29 7.10
C SER A 92 8.59 13.90 7.07
N THR A 93 8.50 15.12 6.53
CA THR A 93 7.26 15.76 6.20
C THR A 93 7.20 15.87 4.66
N SER A 94 6.19 16.56 4.14
CA SER A 94 5.99 16.70 2.69
C SER A 94 5.29 18.03 2.43
N PHE A 95 5.35 18.47 1.19
CA PHE A 95 4.73 19.70 0.80
C PHE A 95 3.23 19.65 1.01
N ILE A 96 2.59 18.56 0.63
CA ILE A 96 1.12 18.42 0.77
C ILE A 96 0.72 18.44 2.24
N GLU A 97 1.54 17.83 3.10
CA GLU A 97 1.29 17.91 4.53
C GLU A 97 1.43 19.35 5.06
N TRP A 98 2.45 20.07 4.60
CA TRP A 98 2.73 21.43 5.06
C TRP A 98 1.62 22.42 4.63
N ILE A 99 1.19 22.33 3.39
CA ILE A 99 0.23 23.30 2.81
C ILE A 99 -1.20 22.87 3.04
N GLY A 100 -1.44 21.56 3.01
CA GLY A 100 -2.77 21.02 3.10
C GLY A 100 -3.52 20.98 1.78
N GLU A 101 -4.45 20.06 1.66
CA GLU A 101 -5.20 19.83 0.43
C GLU A 101 -5.92 21.06 -0.10
N GLU A 102 -6.57 21.80 0.77
CA GLU A 102 -7.40 22.90 0.36
C GLU A 102 -6.55 24.02 -0.25
N LYS A 103 -5.48 24.43 0.45
CA LYS A 103 -4.62 25.45 -0.12
C LYS A 103 -3.84 24.93 -1.32
N TYR A 104 -3.46 23.65 -1.33
CA TYR A 104 -2.79 23.06 -2.49
C TYR A 104 -3.71 23.21 -3.72
N GLN A 105 -4.99 22.93 -3.56
CA GLN A 105 -5.93 23.06 -4.66
C GLN A 105 -6.08 24.52 -5.07
N LYS A 106 -6.06 25.46 -4.14
CA LYS A 106 -6.08 26.88 -4.54
C LYS A 106 -4.88 27.18 -5.44
N LEU A 107 -3.72 26.68 -5.04
CA LEU A 107 -2.49 26.92 -5.78
C LEU A 107 -2.55 26.30 -7.18
N VAL A 108 -2.90 25.02 -7.23
CA VAL A 108 -2.88 24.25 -8.45
C VAL A 108 -3.98 24.75 -9.39
N ASN A 109 -5.16 25.08 -8.88
CA ASN A 109 -6.21 25.65 -9.71
C ASN A 109 -5.80 26.95 -10.34
N PHE A 110 -5.17 27.81 -9.58
CA PHE A 110 -4.67 29.05 -10.11
C PHE A 110 -3.65 28.82 -11.24
N ILE A 111 -2.76 27.88 -11.03
CA ILE A 111 -1.74 27.56 -12.02
C ILE A 111 -2.37 26.99 -13.30
N LEU A 112 -3.33 26.07 -13.13
CA LEU A 112 -4.01 25.48 -14.24
C LEU A 112 -4.80 26.54 -15.03
N ARG A 113 -5.51 27.41 -14.32
CA ARG A 113 -6.27 28.46 -15.00
C ARG A 113 -5.35 29.42 -15.72
N TYR A 114 -4.23 29.74 -15.10
CA TYR A 114 -3.27 30.64 -15.71
C TYR A 114 -2.76 30.04 -17.04
N PHE A 115 -2.44 28.75 -17.01
CA PHE A 115 -1.98 28.08 -18.20
C PHE A 115 -3.05 27.97 -19.27
N ALA A 116 -4.31 27.83 -18.88
CA ALA A 116 -5.39 27.80 -19.82
C ALA A 116 -5.51 29.12 -20.55
N ASP A 117 -5.20 30.24 -19.87
CA ASP A 117 -5.26 31.58 -20.47
C ASP A 117 -3.96 31.94 -21.19
N LEU A 118 -2.89 31.20 -20.97
CA LEU A 118 -1.58 31.56 -21.52
C LEU A 118 -1.46 31.22 -23.00
N GLN A 119 -1.00 32.18 -23.78
CA GLN A 119 -0.71 31.95 -25.21
C GLN A 119 0.76 31.64 -25.37
N LEU A 120 1.10 30.58 -26.05
CA LEU A 120 2.52 30.21 -26.29
C LEU A 120 2.68 29.65 -27.67
N PRO A 121 3.91 29.66 -28.21
CA PRO A 121 4.10 28.96 -29.50
C PRO A 121 3.75 27.47 -29.40
N LYS A 122 4.14 26.82 -28.32
CA LYS A 122 3.94 25.37 -28.15
C LYS A 122 3.58 24.99 -26.73
N LYS A 123 2.61 24.08 -26.62
CA LYS A 123 2.30 23.39 -25.38
C LYS A 123 2.38 21.90 -25.62
N ARG A 124 2.80 21.18 -24.58
CA ARG A 124 3.00 19.75 -24.66
C ARG A 124 2.22 19.04 -23.56
N GLY A 125 2.86 18.73 -22.44
CA GLY A 125 2.25 18.00 -21.34
C GLY A 125 3.15 18.07 -20.13
N THR A 126 2.59 17.81 -18.96
CA THR A 126 3.40 17.79 -17.72
C THR A 126 3.70 19.22 -17.30
N PHE A 127 2.66 20.03 -17.26
CA PHE A 127 2.72 21.41 -16.87
C PHE A 127 2.95 21.58 -15.37
N ILE A 128 2.48 20.62 -14.57
CA ILE A 128 2.68 20.66 -13.12
C ILE A 128 3.13 19.30 -12.75
N GLU A 129 4.28 19.26 -12.07
CA GLU A 129 4.76 18.01 -11.47
C GLU A 129 4.73 18.16 -9.94
N PHE A 130 3.96 17.29 -9.31
CA PHE A 130 3.81 17.23 -7.88
C PHE A 130 4.90 16.33 -7.28
N ARG A 131 5.70 16.90 -6.37
CA ARG A 131 6.76 16.16 -5.70
C ARG A 131 6.52 16.25 -4.19
N ASN A 132 7.31 15.48 -3.46
CA ASN A 132 7.27 15.50 -2.01
C ASN A 132 7.74 16.79 -1.37
N GLY A 133 8.66 17.53 -1.98
CA GLY A 133 9.16 18.76 -1.44
C GLY A 133 8.81 20.08 -2.15
N MET A 134 8.06 19.99 -3.24
CA MET A 134 7.80 21.16 -4.06
C MET A 134 6.77 20.80 -5.15
N ILE A 135 6.32 21.80 -5.92
CA ILE A 135 5.85 21.50 -7.28
C ILE A 135 6.81 22.17 -8.29
N ASN A 136 6.89 21.54 -9.45
CA ASN A 136 7.63 22.08 -10.56
C ASN A 136 6.59 22.46 -11.63
N VAL A 137 6.75 23.64 -12.19
CA VAL A 137 5.72 24.27 -13.00
C VAL A 137 6.37 24.65 -14.33
N SER A 138 5.82 24.16 -15.45
CA SER A 138 6.41 24.40 -16.78
C SER A 138 5.35 24.85 -17.75
N PRO A 139 5.46 26.07 -18.31
CA PRO A 139 4.42 26.52 -19.24
C PRO A 139 4.34 25.72 -20.54
N ILE A 140 5.45 25.26 -21.04
CA ILE A 140 5.46 24.36 -22.20
C ILE A 140 5.17 22.93 -21.79
N GLY A 141 5.61 22.56 -20.60
CA GLY A 141 5.41 21.22 -20.06
C GLY A 141 6.70 20.42 -20.15
N ARG A 142 6.94 19.57 -19.15
CA ARG A 142 8.16 18.73 -19.09
C ARG A 142 8.23 17.67 -20.19
N ASN A 143 7.10 17.33 -20.82
CA ASN A 143 7.12 16.41 -21.96
C ASN A 143 7.72 17.05 -23.19
N ALA A 144 8.06 18.33 -23.15
CA ALA A 144 8.82 18.99 -24.21
C ALA A 144 10.10 18.21 -24.47
N SER A 145 10.41 18.01 -25.75
CA SER A 145 11.65 17.32 -26.15
C SER A 145 12.86 18.20 -25.84
N VAL A 146 14.04 17.59 -25.95
CA VAL A 146 15.30 18.32 -25.76
C VAL A 146 15.31 19.57 -26.62
N GLU A 147 15.00 19.42 -27.91
CA GLU A 147 14.99 20.54 -28.83
C GLU A 147 13.90 21.58 -28.47
N GLU A 148 12.70 21.13 -28.09
CA GLU A 148 11.63 22.04 -27.68
C GLU A 148 12.02 22.84 -26.40
N ARG A 149 12.72 22.22 -25.50
CA ARG A 149 13.19 22.89 -24.28
C ARG A 149 14.20 24.01 -24.61
N ASN A 150 15.12 23.69 -25.54
CA ASN A 150 16.10 24.69 -25.99
C ASN A 150 15.37 25.86 -26.59
N GLU A 151 14.37 25.55 -27.43
CA GLU A 151 13.62 26.61 -28.10
C GLU A 151 12.80 27.42 -27.10
N PHE A 152 12.23 26.75 -26.10
CA PHE A 152 11.42 27.47 -25.12
C PHE A 152 12.30 28.40 -24.32
N GLU A 153 13.45 27.93 -23.92
CA GLU A 153 14.39 28.77 -23.14
C GLU A 153 14.71 30.11 -23.80
N ALA A 154 14.92 30.06 -25.11
CA ALA A 154 15.25 31.26 -25.89
C ALA A 154 14.03 32.12 -25.99
N TYR A 155 12.89 31.49 -26.26
CA TYR A 155 11.63 32.23 -26.26
C TYR A 155 11.38 32.96 -24.91
N ASP A 156 11.61 32.23 -23.82
CA ASP A 156 11.40 32.74 -22.46
C ASP A 156 12.38 33.86 -22.12
N LYS A 157 13.64 33.74 -22.55
CA LYS A 157 14.62 34.84 -22.42
C LYS A 157 14.05 36.14 -22.98
N GLU A 158 13.41 36.06 -24.14
CA GLU A 158 12.86 37.25 -24.77
C GLU A 158 11.52 37.69 -24.15
N HIS A 159 10.66 36.74 -23.83
CA HIS A 159 9.28 37.07 -23.48
C HIS A 159 8.91 37.02 -21.97
N HIS A 160 9.84 36.58 -21.14
CA HIS A 160 9.70 36.54 -19.70
C HIS A 160 8.39 35.83 -19.23
N ILE A 161 8.20 34.63 -19.78
CA ILE A 161 7.00 33.85 -19.52
C ILE A 161 7.07 33.38 -18.06
N ARG A 162 8.20 32.80 -17.70
CA ARG A 162 8.46 32.24 -16.35
C ARG A 162 8.38 33.36 -15.31
N THR A 163 9.10 34.46 -15.53
CA THR A 163 9.14 35.61 -14.62
C THR A 163 7.77 36.20 -14.41
N ASP A 164 7.02 36.39 -15.47
CA ASP A 164 5.69 36.96 -15.26
C ASP A 164 4.77 36.01 -14.50
N MET A 165 4.89 34.71 -14.72
CA MET A 165 4.05 33.78 -13.99
C MET A 165 4.45 33.72 -12.50
N VAL A 166 5.74 33.72 -12.22
CA VAL A 166 6.20 33.78 -10.84
C VAL A 166 5.62 35.04 -10.14
N ASN A 167 5.67 36.17 -10.83
CA ASN A 167 5.12 37.46 -10.31
C ASN A 167 3.62 37.32 -10.07
N ALA A 168 2.93 36.66 -10.98
CA ALA A 168 1.50 36.45 -10.82
C ALA A 168 1.16 35.61 -9.59
N LEU A 169 1.96 34.56 -9.37
CA LEU A 169 1.79 33.73 -8.19
C LEU A 169 2.07 34.48 -6.86
N LYS A 170 3.15 35.22 -6.85
CA LYS A 170 3.49 36.08 -5.71
C LYS A 170 2.40 37.10 -5.41
N LYS A 171 1.73 37.60 -6.44
CA LYS A 171 0.61 38.53 -6.30
C LYS A 171 -0.64 37.85 -5.78
N GLU A 172 -0.92 36.63 -6.26
CA GLU A 172 -2.11 35.92 -5.81
C GLU A 172 -1.96 35.30 -4.41
N PHE A 173 -0.74 34.86 -4.07
CA PHE A 173 -0.52 34.13 -2.87
C PHE A 173 0.54 34.83 -1.99
N PRO A 174 0.31 36.11 -1.64
CA PRO A 174 1.40 36.84 -1.01
C PRO A 174 1.76 36.38 0.41
N ASP A 175 0.87 35.71 1.12
CA ASP A 175 1.18 35.26 2.51
C ASP A 175 1.37 33.74 2.56
N TYR A 176 1.70 33.10 1.46
CA TYR A 176 1.81 31.62 1.45
C TYR A 176 3.15 31.10 2.00
N GLY A 177 4.13 31.96 2.23
CA GLY A 177 5.45 31.48 2.70
C GLY A 177 6.13 30.53 1.72
N LEU A 178 6.00 30.83 0.43
CA LEU A 178 6.62 30.07 -0.63
C LEU A 178 7.80 30.81 -1.20
N THR A 179 8.77 30.05 -1.68
CA THR A 179 9.91 30.55 -2.46
C THR A 179 9.77 29.97 -3.86
N TYR A 180 10.20 30.77 -4.83
CA TYR A 180 10.08 30.48 -6.25
C TYR A 180 11.48 30.50 -6.79
N SER A 181 11.83 29.46 -7.51
CA SER A 181 13.14 29.44 -8.14
C SER A 181 13.02 29.08 -9.61
N ILE A 182 13.35 30.03 -10.47
CA ILE A 182 13.41 29.74 -11.90
C ILE A 182 14.76 29.12 -12.20
N GLY A 183 14.76 27.93 -12.75
CA GLY A 183 15.99 27.18 -13.04
C GLY A 183 15.83 26.38 -14.33
N GLY A 184 16.95 26.11 -15.01
CA GLY A 184 16.92 25.33 -16.22
C GLY A 184 16.16 26.05 -17.34
N GLN A 185 15.63 25.25 -18.25
CA GLN A 185 15.11 25.77 -19.50
C GLN A 185 13.64 26.08 -19.51
N ILE A 186 12.84 25.31 -18.80
CA ILE A 186 11.38 25.27 -19.09
C ILE A 186 10.46 25.43 -17.87
N SER A 187 11.02 25.57 -16.67
CA SER A 187 10.25 25.44 -15.46
C SER A 187 10.74 26.32 -14.35
N PHE A 188 9.95 26.36 -13.28
CA PHE A 188 10.38 26.94 -12.04
C PHE A 188 9.82 26.10 -10.90
N ASP A 189 10.50 26.14 -9.77
CA ASP A 189 10.08 25.40 -8.59
C ASP A 189 9.35 26.29 -7.62
N VAL A 190 8.42 25.69 -6.87
CA VAL A 190 7.64 26.38 -5.87
C VAL A 190 7.67 25.49 -4.64
N PHE A 191 8.15 26.05 -3.53
CA PHE A 191 8.35 25.24 -2.33
C PHE A 191 8.33 26.12 -1.08
N PRO A 192 8.05 25.55 0.08
CA PRO A 192 8.08 26.32 1.33
C PRO A 192 9.44 26.92 1.59
N THR A 193 9.47 28.15 2.07
CA THR A 193 10.73 28.83 2.28
C THR A 193 11.57 28.01 3.26
N GLY A 194 12.84 27.81 2.94
CA GLY A 194 13.75 26.96 3.73
C GLY A 194 13.89 25.54 3.24
N TRP A 195 13.04 25.12 2.29
CA TRP A 195 13.11 23.78 1.74
C TRP A 195 14.00 23.73 0.51
N ASP A 196 15.08 24.51 0.56
CA ASP A 196 16.22 24.39 -0.33
C ASP A 196 17.18 23.29 0.15
N LYS A 197 18.31 23.12 -0.48
CA LYS A 197 19.22 22.02 -0.09
C LYS A 197 19.72 22.08 1.37
N THR A 198 19.69 23.27 2.00
CA THR A 198 20.03 23.37 3.43
C THR A 198 19.12 22.56 4.33
N TYR A 199 17.91 22.24 3.83
CA TYR A 199 16.99 21.45 4.61
C TYR A 199 17.63 20.12 5.08
N CYS A 200 18.47 19.50 4.22
CA CYS A 200 19.03 18.22 4.60
C CYS A 200 19.96 18.25 5.81
N LEU A 201 20.48 19.41 6.14
CA LEU A 201 21.44 19.55 7.21
C LEU A 201 20.85 19.14 8.57
N ARG A 202 19.52 19.20 8.72
CA ARG A 202 18.88 18.73 9.94
C ARG A 202 19.16 17.26 10.21
N HIS A 203 19.21 16.46 9.14
CA HIS A 203 19.46 15.04 9.27
C HIS A 203 20.92 14.77 9.69
N VAL A 204 21.82 15.60 9.19
CA VAL A 204 23.24 15.52 9.47
C VAL A 204 23.49 15.87 10.93
N GLU A 205 22.86 16.97 11.35
CA GLU A 205 22.92 17.42 12.73
C GLU A 205 22.30 16.41 13.72
N ALA A 206 21.18 15.79 13.32
CA ALA A 206 20.53 14.81 14.19
C ALA A 206 21.37 13.54 14.45
N GLU A 207 22.41 13.29 13.66
CA GLU A 207 23.24 12.11 13.85
C GLU A 207 23.87 12.06 15.24
N LYS A 208 24.11 13.21 15.85
CA LYS A 208 24.62 13.26 17.22
C LYS A 208 23.81 12.40 18.22
N GLU A 209 22.50 12.31 18.05
CA GLU A 209 21.66 11.55 18.94
C GLU A 209 21.54 10.11 18.54
N ILE A 210 22.07 9.70 17.39
CA ILE A 210 22.06 8.31 17.00
C ILE A 210 23.40 7.65 17.35
N SER A 211 24.42 7.90 16.54
CA SER A 211 25.72 7.28 16.74
C SER A 211 26.57 8.11 17.69
N GLY A 212 26.18 9.35 17.96
CA GLY A 212 27.03 10.26 18.74
C GLY A 212 27.92 11.11 17.87
N VAL A 213 28.00 10.86 16.55
CA VAL A 213 28.92 11.61 15.68
C VAL A 213 28.36 13.01 15.43
N GLU A 214 29.21 13.99 15.69
CA GLU A 214 28.87 15.38 15.53
C GLU A 214 29.59 15.92 14.30
N TYR A 215 28.87 16.16 13.21
CA TYR A 215 29.53 16.57 11.95
C TYR A 215 29.87 18.03 12.01
N THR A 216 31.13 18.32 12.35
CA THR A 216 31.64 19.71 12.38
C THR A 216 32.40 20.10 11.11
N THR A 217 32.88 19.12 10.34
CA THR A 217 33.41 19.40 9.00
C THR A 217 32.40 18.84 8.00
N ILE A 218 31.67 19.74 7.33
CA ILE A 218 30.64 19.33 6.36
C ILE A 218 31.05 19.93 5.02
N HIS A 219 31.67 19.12 4.19
CA HIS A 219 32.00 19.51 2.85
C HIS A 219 30.77 19.41 1.96
N PHE A 220 30.56 20.41 1.13
CA PHE A 220 29.50 20.37 0.14
C PHE A 220 30.07 20.65 -1.22
N PHE A 221 29.66 19.88 -2.22
CA PHE A 221 30.08 20.03 -3.61
C PHE A 221 28.86 20.24 -4.48
N GLY A 222 28.92 21.26 -5.32
CA GLY A 222 27.80 21.63 -6.19
C GLY A 222 28.27 22.48 -7.33
N ASP A 223 27.48 22.48 -8.39
CA ASP A 223 27.80 23.23 -9.60
C ASP A 223 26.99 24.52 -9.76
N LYS A 224 25.98 24.76 -8.93
CA LYS A 224 25.16 26.00 -9.03
C LYS A 224 25.23 26.78 -7.73
N CYS A 225 26.46 27.17 -7.39
CA CYS A 225 26.79 27.81 -6.09
C CYS A 225 26.72 29.35 -6.08
N PHE A 226 26.43 29.91 -7.24
CA PHE A 226 26.24 31.36 -7.46
C PHE A 226 24.82 31.80 -7.00
N PRO A 227 24.64 33.09 -6.64
CA PRO A 227 23.29 33.54 -6.24
C PRO A 227 22.23 33.16 -7.28
N GLY A 228 21.13 32.61 -6.82
CA GLY A 228 20.09 32.11 -7.72
C GLY A 228 20.21 30.67 -8.09
N GLY A 229 21.41 30.07 -8.01
CA GLY A 229 21.55 28.63 -8.25
C GLY A 229 21.01 27.82 -7.07
N ASN A 230 20.61 26.57 -7.31
CA ASN A 230 20.06 25.79 -6.17
C ASN A 230 21.09 25.19 -5.19
N ASP A 231 22.37 25.40 -5.43
CA ASP A 231 23.38 25.06 -4.43
C ASP A 231 23.83 26.27 -3.64
N TYR A 232 23.29 27.45 -3.90
CA TYR A 232 23.80 28.69 -3.33
C TYR A 232 23.69 28.72 -1.81
N GLU A 233 22.54 28.34 -1.27
CA GLU A 233 22.30 28.45 0.15
C GLU A 233 23.16 27.44 0.92
N ILE A 234 23.23 26.22 0.44
CA ILE A 234 24.00 25.18 1.16
C ILE A 234 25.52 25.47 1.02
N TYR A 235 25.93 25.97 -0.13
CA TYR A 235 27.31 26.45 -0.31
C TYR A 235 27.71 27.59 0.62
N SER A 236 26.82 28.57 0.75
CA SER A 236 27.09 29.80 1.52
C SER A 236 26.91 29.62 3.00
N ASP A 237 26.18 28.59 3.40
CA ASP A 237 25.85 28.40 4.79
C ASP A 237 27.16 28.23 5.60
N PRO A 238 27.29 28.94 6.73
CA PRO A 238 28.54 28.84 7.51
C PRO A 238 28.83 27.45 8.09
N ARG A 239 27.83 26.58 8.15
CA ARG A 239 28.05 25.19 8.57
C ARG A 239 28.86 24.34 7.56
N THR A 240 28.97 24.78 6.31
CA THR A 240 29.61 23.98 5.31
C THR A 240 30.90 24.59 4.83
N ILE A 241 31.80 23.71 4.38
CA ILE A 241 32.91 24.09 3.55
C ILE A 241 32.44 23.77 2.14
N GLY A 242 32.11 24.83 1.42
CA GLY A 242 31.57 24.74 0.11
C GLY A 242 32.65 24.59 -0.91
N HIS A 243 32.39 23.74 -1.91
CA HIS A 243 33.27 23.56 -3.07
C HIS A 243 32.44 23.68 -4.36
N SER A 244 32.80 24.64 -5.19
CA SER A 244 32.11 24.91 -6.44
C SER A 244 32.79 24.10 -7.55
N VAL A 245 31.99 23.38 -8.35
CA VAL A 245 32.49 22.52 -9.43
C VAL A 245 31.88 22.88 -10.78
N HIS A 246 32.61 22.68 -11.86
CA HIS A 246 32.14 22.95 -13.22
C HIS A 246 31.43 21.73 -13.81
N GLY A 247 31.66 20.56 -13.22
CA GLY A 247 31.13 19.30 -13.72
C GLY A 247 31.82 18.13 -13.01
N PRO A 248 31.45 16.89 -13.34
CA PRO A 248 31.97 15.73 -12.61
C PRO A 248 33.48 15.54 -12.72
N GLU A 249 34.10 15.97 -13.82
CA GLU A 249 35.53 15.89 -13.95
C GLU A 249 36.18 16.80 -12.89
N ASP A 250 35.62 18.00 -12.75
CA ASP A 250 36.11 18.96 -11.80
C ASP A 250 35.89 18.43 -10.35
N THR A 251 34.73 17.82 -10.10
CA THR A 251 34.46 17.17 -8.81
C THR A 251 35.54 16.15 -8.44
N MET A 252 35.85 15.26 -9.37
CA MET A 252 36.89 14.25 -9.13
C MET A 252 38.27 14.87 -8.83
N LYS A 253 38.66 15.84 -9.63
CA LYS A 253 39.91 16.57 -9.41
C LYS A 253 39.97 17.18 -8.01
N GLN A 254 38.92 17.89 -7.59
CA GLN A 254 38.89 18.56 -6.27
C GLN A 254 38.88 17.56 -5.14
N LEU A 255 38.11 16.48 -5.30
CA LEU A 255 38.06 15.41 -4.29
C LEU A 255 39.41 14.74 -4.09
N LYS A 256 40.08 14.42 -5.18
CA LYS A 256 41.40 13.84 -5.13
C LYS A 256 42.39 14.74 -4.38
N GLU A 257 42.35 16.05 -4.66
CA GLU A 257 43.20 17.05 -3.93
C GLU A 257 42.79 17.11 -2.47
N LEU A 258 41.49 17.22 -2.25
CA LEU A 258 40.88 17.36 -0.91
C LEU A 258 41.28 16.25 0.07
N PHE A 259 41.25 15.02 -0.40
CA PHE A 259 41.43 13.85 0.44
C PHE A 259 42.62 12.96 0.08
N GLN A 260 43.55 13.44 -0.74
CA GLN A 260 44.68 12.61 -1.19
C GLN A 260 44.26 11.20 -1.77
N LEU A 261 43.35 11.21 -2.76
CA LEU A 261 42.83 10.02 -3.43
C LEU A 261 43.21 9.92 -4.91
N GLY B 1 2.08 -33.56 -7.72
CA GLY B 1 0.99 -32.71 -8.21
C GLY B 1 0.31 -33.25 -9.46
N SER B 2 -1.02 -33.26 -9.48
CA SER B 2 -1.85 -33.80 -10.58
C SER B 2 -2.83 -32.73 -11.06
N ALA B 3 -2.92 -32.52 -12.37
CA ALA B 3 -3.85 -31.52 -12.94
C ALA B 3 -5.32 -31.91 -12.66
N LEU B 4 -6.19 -30.92 -12.60
CA LEU B 4 -7.60 -31.19 -12.29
C LEU B 4 -8.30 -32.12 -13.27
N GLN B 5 -7.91 -32.03 -14.53
CA GLN B 5 -8.46 -32.89 -15.58
C GLN B 5 -7.95 -34.36 -15.49
N ASP B 6 -6.93 -34.60 -14.66
CA ASP B 6 -6.36 -35.93 -14.51
C ASP B 6 -6.82 -36.68 -13.26
N ARG B 7 -7.62 -36.06 -12.41
CA ARG B 7 -8.10 -36.73 -11.21
C ARG B 7 -9.04 -37.85 -11.67
N PRO B 8 -8.89 -39.06 -11.11
CA PRO B 8 -9.65 -40.21 -11.63
C PRO B 8 -11.16 -40.17 -11.41
N ILE B 9 -11.60 -39.60 -10.27
CA ILE B 9 -13.02 -39.42 -10.00
C ILE B 9 -13.47 -38.14 -10.66
N LYS B 10 -14.04 -38.35 -11.85
CA LYS B 10 -14.32 -37.30 -12.81
C LYS B 10 -15.48 -36.47 -12.32
N ASN B 11 -15.42 -35.19 -12.67
CA ASN B 11 -16.51 -34.26 -12.49
C ASN B 11 -16.85 -34.04 -11.03
N THR B 12 -15.92 -34.32 -10.14
CA THR B 12 -16.24 -34.40 -8.73
C THR B 12 -15.32 -33.46 -7.93
N ILE B 13 -15.94 -32.69 -7.04
CA ILE B 13 -15.20 -31.82 -6.10
C ILE B 13 -15.84 -31.93 -4.73
N CYS B 14 -15.01 -31.95 -3.68
CA CYS B 14 -15.48 -31.84 -2.30
C CYS B 14 -15.11 -30.47 -1.75
N LEU B 15 -16.13 -29.73 -1.28
CA LEU B 15 -15.96 -28.42 -0.65
C LEU B 15 -16.26 -28.54 0.82
N PHE B 16 -15.37 -28.00 1.66
CA PHE B 16 -15.54 -28.08 3.07
C PHE B 16 -15.64 -26.69 3.69
N ASP B 17 -16.54 -26.62 4.63
CA ASP B 17 -16.57 -25.49 5.59
C ASP B 17 -15.30 -25.68 6.44
N VAL B 18 -14.72 -24.61 6.98
CA VAL B 18 -13.52 -24.84 7.83
C VAL B 18 -13.86 -25.16 9.29
N ASP B 19 -14.46 -24.20 10.00
CA ASP B 19 -14.64 -24.28 11.46
C ASP B 19 -15.62 -25.35 11.89
N GLU B 20 -15.15 -26.28 12.71
CA GLU B 20 -16.01 -27.38 13.15
C GLU B 20 -16.44 -28.34 12.04
N THR B 21 -15.73 -28.29 10.91
CA THR B 21 -15.93 -29.23 9.82
C THR B 21 -14.60 -29.91 9.52
N LEU B 22 -13.60 -29.11 9.15
CA LEU B 22 -12.22 -29.60 9.01
C LEU B 22 -11.40 -29.55 10.31
N THR B 23 -11.71 -28.59 11.16
CA THR B 23 -10.98 -28.35 12.40
C THR B 23 -11.85 -28.35 13.62
N PRO B 24 -11.29 -28.78 14.77
CA PRO B 24 -12.12 -28.72 15.94
C PRO B 24 -12.42 -27.26 16.27
N ALA B 25 -13.54 -27.02 16.95
CA ALA B 25 -13.95 -25.68 17.35
C ALA B 25 -12.75 -24.97 17.99
N ARG B 26 -12.35 -23.84 17.40
CA ARG B 26 -11.29 -22.98 17.92
C ARG B 26 -9.91 -23.66 18.05
N ARG B 27 -9.66 -24.67 17.24
CA ARG B 27 -8.33 -25.31 17.22
C ARG B 27 -7.87 -25.47 15.77
N ALA B 28 -6.62 -25.85 15.60
CA ALA B 28 -6.05 -26.16 14.31
C ALA B 28 -6.44 -27.56 13.81
N VAL B 29 -6.33 -27.76 12.52
CA VAL B 29 -6.61 -29.05 11.90
C VAL B 29 -5.63 -30.08 12.49
N THR B 30 -6.08 -31.33 12.55
CA THR B 30 -5.26 -32.44 13.05
C THR B 30 -4.46 -33.07 11.90
N PRO B 31 -3.37 -33.78 12.22
CA PRO B 31 -2.63 -34.51 11.17
C PRO B 31 -3.46 -35.59 10.47
N GLU B 32 -4.34 -36.24 11.20
CA GLU B 32 -5.25 -37.28 10.63
C GLU B 32 -6.15 -36.69 9.55
N MET B 33 -6.71 -35.51 9.79
CA MET B 33 -7.53 -34.84 8.77
C MET B 33 -6.70 -34.42 7.57
N LEU B 34 -5.55 -33.84 7.78
CA LEU B 34 -4.66 -33.50 6.66
C LEU B 34 -4.31 -34.72 5.83
N MET B 35 -4.02 -35.82 6.48
CA MET B 35 -3.70 -37.06 5.76
C MET B 35 -4.92 -37.47 4.90
N LEU B 36 -6.09 -37.49 5.50
CA LEU B 36 -7.32 -37.88 4.80
C LEU B 36 -7.61 -36.92 3.60
N LEU B 37 -7.44 -35.61 3.81
CA LEU B 37 -7.64 -34.67 2.73
C LEU B 37 -6.68 -34.93 1.59
N SER B 38 -5.42 -35.19 1.90
CA SER B 38 -4.45 -35.47 0.85
C SER B 38 -4.81 -36.73 0.09
N GLN B 39 -5.29 -37.76 0.75
CA GLN B 39 -5.73 -39.00 0.07
C GLN B 39 -6.92 -38.69 -0.82
N LEU B 40 -7.86 -37.93 -0.31
CA LEU B 40 -9.06 -37.54 -1.11
C LEU B 40 -8.60 -36.74 -2.34
N ARG B 41 -7.60 -35.88 -2.19
CA ARG B 41 -7.05 -35.06 -3.29
C ARG B 41 -6.55 -35.95 -4.46
N HIS B 42 -6.05 -37.16 -4.20
CA HIS B 42 -5.61 -38.06 -5.30
C HIS B 42 -6.79 -38.62 -6.09
N LYS B 43 -7.99 -38.58 -5.52
CA LYS B 43 -9.19 -39.05 -6.20
C LYS B 43 -9.95 -37.94 -6.92
N CYS B 44 -10.18 -36.82 -6.25
CA CYS B 44 -10.98 -35.72 -6.82
C CYS B 44 -10.48 -34.35 -6.39
N ALA B 45 -11.15 -33.31 -6.87
CA ALA B 45 -10.84 -31.93 -6.49
C ALA B 45 -11.31 -31.70 -5.05
N ILE B 46 -10.52 -30.95 -4.28
CA ILE B 46 -10.94 -30.51 -2.98
C ILE B 46 -10.79 -29.00 -2.81
N GLY B 47 -11.66 -28.44 -1.99
CA GLY B 47 -11.59 -27.04 -1.64
C GLY B 47 -12.23 -26.73 -0.30
N TYR B 48 -11.99 -25.54 0.19
CA TYR B 48 -12.68 -25.09 1.38
C TYR B 48 -13.36 -23.78 1.09
N VAL B 49 -14.39 -23.52 1.86
CA VAL B 49 -15.09 -22.22 1.85
C VAL B 49 -15.39 -21.83 3.30
N GLY B 50 -14.92 -20.68 3.70
CA GLY B 50 -15.12 -20.17 5.04
C GLY B 50 -15.45 -18.68 5.02
N GLY B 51 -16.12 -18.23 6.06
CA GLY B 51 -16.46 -16.82 6.24
C GLY B 51 -15.26 -15.92 6.48
N SER B 52 -14.26 -16.42 7.20
CA SER B 52 -13.13 -15.57 7.64
C SER B 52 -12.12 -15.37 6.54
N ASN B 53 -11.15 -14.49 6.80
CA ASN B 53 -10.13 -14.15 5.83
C ASN B 53 -9.05 -15.24 5.74
N LEU B 54 -8.19 -15.11 4.74
CA LEU B 54 -7.16 -16.07 4.47
C LEU B 54 -6.26 -16.32 5.67
N ALA B 55 -5.89 -15.26 6.40
CA ALA B 55 -4.97 -15.36 7.56
C ALA B 55 -5.49 -16.33 8.59
N LYS B 56 -6.80 -16.32 8.80
CA LYS B 56 -7.43 -17.26 9.72
C LYS B 56 -7.30 -18.69 9.21
N GLN B 57 -7.55 -18.93 7.94
CA GLN B 57 -7.39 -20.30 7.41
C GLN B 57 -5.95 -20.73 7.41
N GLN B 58 -5.03 -19.80 7.25
CA GLN B 58 -3.60 -20.10 7.36
C GLN B 58 -3.26 -20.54 8.77
N GLU B 59 -3.86 -19.93 9.78
CA GLU B 59 -3.69 -20.35 11.17
C GLU B 59 -4.31 -21.71 11.46
N GLN B 60 -5.52 -21.95 10.98
CA GLN B 60 -6.25 -23.20 11.27
C GLN B 60 -5.75 -24.39 10.45
N LEU B 61 -5.32 -24.16 9.20
CA LEU B 61 -4.99 -25.23 8.26
C LEU B 61 -3.51 -25.32 7.83
N GLY B 62 -2.84 -24.15 7.74
CA GLY B 62 -1.46 -24.04 7.34
C GLY B 62 -0.51 -23.99 8.53
N THR B 63 0.76 -23.80 8.22
CA THR B 63 1.85 -23.77 9.19
C THR B 63 2.93 -22.80 8.66
N GLY B 64 3.98 -22.63 9.47
CA GLY B 64 5.20 -21.91 9.03
C GLY B 64 5.88 -22.54 7.82
N ALA B 65 5.77 -23.86 7.65
CA ALA B 65 6.34 -24.52 6.48
C ALA B 65 5.37 -24.62 5.30
N THR B 66 4.08 -24.55 5.56
CA THR B 66 3.09 -24.84 4.53
C THR B 66 2.01 -23.74 4.42
N ASP B 67 1.96 -23.09 3.26
CA ASP B 67 0.89 -22.18 2.87
C ASP B 67 -0.40 -23.01 2.68
N VAL B 68 -1.48 -22.60 3.32
CA VAL B 68 -2.78 -23.26 3.19
C VAL B 68 -3.22 -23.43 1.73
N THR B 69 -2.86 -22.51 0.84
CA THR B 69 -3.25 -22.62 -0.56
C THR B 69 -2.61 -23.80 -1.30
N SER B 70 -1.55 -24.38 -0.69
CA SER B 70 -0.87 -25.58 -1.22
C SER B 70 -1.66 -26.86 -0.92
N LEU B 71 -2.57 -26.79 0.05
CA LEU B 71 -3.25 -27.97 0.55
C LEU B 71 -4.61 -28.23 -0.11
N PHE B 72 -5.11 -27.26 -0.89
CA PHE B 72 -6.41 -27.41 -1.53
C PHE B 72 -6.33 -26.93 -2.96
N ASP B 73 -7.11 -27.55 -3.83
CA ASP B 73 -7.20 -27.11 -5.20
C ASP B 73 -7.87 -25.73 -5.28
N PHE B 74 -8.89 -25.53 -4.46
CA PHE B 74 -9.63 -24.27 -4.38
C PHE B 74 -9.72 -23.80 -2.94
N CYS B 75 -9.33 -22.56 -2.70
CA CYS B 75 -9.46 -21.92 -1.39
C CYS B 75 -10.40 -20.73 -1.50
N PHE B 76 -11.44 -20.70 -0.68
CA PHE B 76 -12.46 -19.66 -0.75
C PHE B 76 -12.64 -18.97 0.61
N PRO B 77 -11.64 -18.18 1.02
CA PRO B 77 -11.90 -17.32 2.18
C PRO B 77 -13.04 -16.36 1.87
N GLU B 78 -13.71 -15.87 2.91
CA GLU B 78 -14.72 -14.81 2.77
C GLU B 78 -15.82 -15.23 1.82
N ASN B 79 -16.26 -16.49 1.97
CA ASN B 79 -17.35 -17.08 1.18
C ASN B 79 -17.04 -17.17 -0.32
N GLY B 80 -15.77 -17.04 -0.68
CA GLY B 80 -15.37 -16.97 -2.08
C GLY B 80 -15.24 -15.61 -2.71
N LEU B 81 -15.45 -14.55 -1.93
CA LEU B 81 -15.15 -13.21 -2.41
C LEU B 81 -13.64 -13.06 -2.63
N MET B 82 -12.85 -13.83 -1.89
CA MET B 82 -11.47 -14.10 -2.25
C MET B 82 -11.36 -15.54 -2.71
N ALA B 83 -10.46 -15.81 -3.64
CA ALA B 83 -10.39 -17.15 -4.18
C ALA B 83 -9.03 -17.44 -4.76
N PHE B 84 -8.61 -18.69 -4.53
CA PHE B 84 -7.39 -19.23 -5.08
C PHE B 84 -7.69 -20.56 -5.77
N ARG B 85 -7.02 -20.76 -6.90
CA ARG B 85 -7.04 -21.96 -7.67
C ARG B 85 -5.60 -22.43 -7.75
N LEU B 86 -5.29 -23.58 -7.17
CA LEU B 86 -3.94 -24.17 -7.17
C LEU B 86 -2.86 -23.14 -6.80
N GLY B 87 -3.15 -22.36 -5.78
CA GLY B 87 -2.19 -21.36 -5.26
C GLY B 87 -2.24 -20.00 -5.94
N LYS B 88 -3.00 -19.85 -7.03
CA LYS B 88 -3.02 -18.59 -7.76
C LYS B 88 -4.31 -17.84 -7.46
N PRO B 89 -4.19 -16.52 -7.23
CA PRO B 89 -5.38 -15.73 -6.90
C PRO B 89 -6.29 -15.61 -8.09
N LEU B 90 -7.58 -15.71 -7.84
CA LEU B 90 -8.60 -15.43 -8.84
C LEU B 90 -9.06 -13.98 -8.62
N ALA B 91 -9.67 -13.40 -9.65
CA ALA B 91 -10.25 -12.07 -9.58
C ALA B 91 -11.28 -12.04 -8.47
N SER B 92 -11.32 -10.93 -7.76
CA SER B 92 -12.18 -10.74 -6.61
C SER B 92 -12.71 -9.33 -6.52
N THR B 93 -13.78 -9.17 -5.75
CA THR B 93 -14.37 -7.88 -5.49
C THR B 93 -14.45 -7.79 -3.96
N SER B 94 -15.08 -6.75 -3.44
CA SER B 94 -15.25 -6.54 -2.01
C SER B 94 -16.57 -5.78 -1.77
N PHE B 95 -17.03 -5.85 -0.54
CA PHE B 95 -18.26 -5.20 -0.17
C PHE B 95 -18.21 -3.70 -0.39
N ILE B 96 -17.11 -3.09 0.02
CA ILE B 96 -16.96 -1.64 -0.09
C ILE B 96 -16.90 -1.20 -1.54
N GLU B 97 -16.27 -2.01 -2.38
CA GLU B 97 -16.29 -1.74 -3.82
C GLU B 97 -17.70 -1.85 -4.42
N TRP B 98 -18.46 -2.86 -4.00
CA TRP B 98 -19.80 -3.08 -4.53
C TRP B 98 -20.79 -1.94 -4.12
N ILE B 99 -20.74 -1.57 -2.85
CA ILE B 99 -21.72 -0.61 -2.25
C ILE B 99 -21.26 0.82 -2.42
N GLY B 100 -19.97 1.04 -2.33
CA GLY B 100 -19.41 2.38 -2.43
C GLY B 100 -19.41 3.10 -1.06
N GLU B 101 -18.46 4.01 -0.96
CA GLU B 101 -18.13 4.68 0.30
C GLU B 101 -19.33 5.44 0.89
N GLU B 102 -20.06 6.14 0.04
CA GLU B 102 -21.10 7.01 0.52
C GLU B 102 -22.26 6.25 1.10
N LYS B 103 -22.74 5.23 0.39
CA LYS B 103 -23.80 4.39 0.92
C LYS B 103 -23.34 3.59 2.15
N TYR B 104 -22.08 3.14 2.13
CA TYR B 104 -21.55 2.44 3.28
C TYR B 104 -21.61 3.35 4.54
N GLN B 105 -21.22 4.62 4.37
CA GLN B 105 -21.29 5.55 5.49
C GLN B 105 -22.73 5.81 5.95
N LYS B 106 -23.68 5.85 5.00
CA LYS B 106 -25.08 6.03 5.42
C LYS B 106 -25.47 4.84 6.28
N LEU B 107 -25.05 3.64 5.89
CA LEU B 107 -25.40 2.43 6.64
C LEU B 107 -24.78 2.46 8.03
N VAL B 108 -23.49 2.74 8.10
CA VAL B 108 -22.73 2.77 9.33
C VAL B 108 -23.29 3.81 10.31
N ASN B 109 -23.52 4.99 9.80
CA ASN B 109 -24.07 6.09 10.59
C ASN B 109 -25.43 5.76 11.19
N PHE B 110 -26.29 5.15 10.39
CA PHE B 110 -27.56 4.67 10.88
C PHE B 110 -27.38 3.67 12.00
N ILE B 111 -26.47 2.73 11.82
CA ILE B 111 -26.24 1.68 12.81
C ILE B 111 -25.70 2.27 14.11
N LEU B 112 -24.78 3.21 14.00
CA LEU B 112 -24.20 3.83 15.17
C LEU B 112 -25.24 4.63 15.92
N ARG B 113 -26.06 5.41 15.19
CA ARG B 113 -27.11 6.17 15.85
C ARG B 113 -28.11 5.26 16.50
N TYR B 114 -28.46 4.18 15.82
CA TYR B 114 -29.43 3.23 16.34
C TYR B 114 -28.94 2.66 17.66
N PHE B 115 -27.68 2.29 17.72
CA PHE B 115 -27.11 1.74 18.94
C PHE B 115 -27.02 2.75 20.05
N ALA B 116 -26.78 4.02 19.73
CA ALA B 116 -26.80 5.06 20.74
C ALA B 116 -28.20 5.20 21.36
N ASP B 117 -29.24 5.04 20.55
CA ASP B 117 -30.62 5.24 21.00
C ASP B 117 -31.24 4.00 21.59
N LEU B 118 -30.59 2.85 21.39
CA LEU B 118 -31.09 1.60 21.92
C LEU B 118 -30.86 1.51 23.41
N GLN B 119 -31.85 1.02 24.12
CA GLN B 119 -31.73 0.73 25.56
C GLN B 119 -31.29 -0.73 25.66
N LEU B 120 -30.27 -1.00 26.45
CA LEU B 120 -29.81 -2.36 26.70
C LEU B 120 -29.29 -2.40 28.13
N PRO B 121 -29.29 -3.59 28.77
CA PRO B 121 -28.65 -3.69 30.08
C PRO B 121 -27.15 -3.25 30.04
N LYS B 122 -26.43 -3.68 29.00
CA LYS B 122 -25.03 -3.39 28.85
C LYS B 122 -24.63 -3.05 27.41
N LYS B 123 -23.73 -2.11 27.26
CA LYS B 123 -23.05 -1.80 26.02
C LYS B 123 -21.58 -1.83 26.22
N ARG B 124 -20.84 -2.28 25.20
CA ARG B 124 -19.42 -2.47 25.36
C ARG B 124 -18.63 -1.76 24.28
N GLY B 125 -18.25 -2.49 23.24
CA GLY B 125 -17.41 -1.99 22.17
C GLY B 125 -17.41 -3.02 21.05
N THR B 126 -16.97 -2.56 19.89
CA THR B 126 -16.87 -3.36 18.65
C THR B 126 -18.28 -3.74 18.17
N PHE B 127 -19.09 -2.71 18.00
CA PHE B 127 -20.45 -2.78 17.50
C PHE B 127 -20.49 -3.12 16.00
N ILE B 128 -19.48 -2.72 15.24
CA ILE B 128 -19.43 -2.97 13.80
C ILE B 128 -18.05 -3.51 13.50
N GLU B 129 -17.98 -4.68 12.89
CA GLU B 129 -16.76 -5.18 12.32
C GLU B 129 -16.84 -5.19 10.77
N PHE B 130 -15.93 -4.47 10.15
CA PHE B 130 -15.77 -4.39 8.73
C PHE B 130 -14.89 -5.52 8.20
N ARG B 131 -15.44 -6.33 7.31
CA ARG B 131 -14.68 -7.41 6.65
C ARG B 131 -14.77 -7.17 5.13
N ASN B 132 -14.03 -7.96 4.38
CA ASN B 132 -14.00 -7.79 2.92
C ASN B 132 -15.27 -8.08 2.18
N GLY B 133 -16.05 -9.04 2.65
CA GLY B 133 -17.36 -9.34 1.99
C GLY B 133 -18.63 -9.07 2.77
N MET B 134 -18.51 -8.48 3.94
CA MET B 134 -19.67 -8.25 4.81
C MET B 134 -19.28 -7.37 6.00
N ILE B 135 -20.26 -6.91 6.73
CA ILE B 135 -20.04 -6.40 8.08
C ILE B 135 -20.77 -7.27 9.10
N ASN B 136 -20.23 -7.34 10.30
CA ASN B 136 -20.86 -7.96 11.43
C ASN B 136 -21.27 -6.85 12.41
N VAL B 137 -22.50 -6.90 12.90
CA VAL B 137 -23.13 -5.82 13.62
C VAL B 137 -23.62 -6.39 14.95
N SER B 138 -23.23 -5.83 16.09
CA SER B 138 -23.59 -6.34 17.43
C SER B 138 -24.08 -5.20 18.31
N PRO B 139 -25.34 -5.28 18.80
CA PRO B 139 -25.84 -4.19 19.64
C PRO B 139 -25.13 -3.98 20.96
N ILE B 140 -24.70 -5.07 21.58
CA ILE B 140 -23.92 -4.99 22.79
C ILE B 140 -22.46 -4.77 22.44
N GLY B 141 -22.00 -5.31 21.31
CA GLY B 141 -20.63 -5.19 20.88
C GLY B 141 -19.86 -6.49 21.16
N ARG B 142 -18.94 -6.84 20.27
CA ARG B 142 -18.16 -8.08 20.37
C ARG B 142 -17.16 -8.09 21.55
N ASN B 143 -16.83 -6.92 22.11
CA ASN B 143 -16.00 -6.87 23.32
C ASN B 143 -16.73 -7.38 24.55
N ALA B 144 -18.03 -7.69 24.43
CA ALA B 144 -18.76 -8.31 25.52
C ALA B 144 -18.08 -9.59 25.98
N SER B 145 -18.02 -9.80 27.29
CA SER B 145 -17.46 -11.02 27.91
C SER B 145 -18.37 -12.21 27.63
N VAL B 146 -17.89 -13.41 27.96
CA VAL B 146 -18.70 -14.66 27.80
C VAL B 146 -20.05 -14.48 28.52
N GLU B 147 -20.01 -14.07 29.79
CA GLU B 147 -21.19 -13.86 30.66
C GLU B 147 -22.09 -12.77 30.06
N GLU B 148 -21.51 -11.71 29.50
CA GLU B 148 -22.26 -10.56 28.95
C GLU B 148 -23.01 -10.99 27.68
N ARG B 149 -22.37 -11.82 26.88
CA ARG B 149 -22.91 -12.36 25.63
C ARG B 149 -24.10 -13.27 25.97
N ASN B 150 -23.96 -14.12 26.99
CA ASN B 150 -25.04 -15.01 27.43
C ASN B 150 -26.22 -14.17 27.86
N GLU B 151 -25.96 -13.13 28.61
CA GLU B 151 -27.05 -12.26 29.07
C GLU B 151 -27.70 -11.52 27.91
N PHE B 152 -26.92 -11.07 26.93
CA PHE B 152 -27.51 -10.39 25.80
C PHE B 152 -28.42 -11.34 25.01
N GLU B 153 -27.96 -12.56 24.77
CA GLU B 153 -28.75 -13.52 24.03
C GLU B 153 -30.16 -13.74 24.62
N ALA B 154 -30.22 -13.80 25.95
CA ALA B 154 -31.47 -14.03 26.66
C ALA B 154 -32.31 -12.80 26.57
N TYR B 155 -31.68 -11.64 26.75
CA TYR B 155 -32.37 -10.38 26.58
C TYR B 155 -32.96 -10.24 25.17
N ASP B 156 -32.18 -10.60 24.17
CA ASP B 156 -32.62 -10.56 22.77
C ASP B 156 -33.76 -11.55 22.47
N LYS B 157 -33.68 -12.75 23.04
CA LYS B 157 -34.81 -13.73 22.95
C LYS B 157 -36.11 -13.08 23.39
N GLU B 158 -36.07 -12.32 24.49
CA GLU B 158 -37.25 -11.69 25.03
C GLU B 158 -37.65 -10.44 24.27
N HIS B 159 -36.69 -9.61 23.90
CA HIS B 159 -37.00 -8.28 23.39
C HIS B 159 -36.85 -8.09 21.89
N HIS B 160 -36.39 -9.13 21.21
CA HIS B 160 -36.25 -9.14 19.73
C HIS B 160 -35.39 -7.98 19.23
N ILE B 161 -34.29 -7.70 19.89
CA ILE B 161 -33.36 -6.58 19.55
C ILE B 161 -32.87 -6.75 18.11
N ARG B 162 -32.25 -7.88 17.79
CA ARG B 162 -31.71 -8.12 16.44
C ARG B 162 -32.81 -8.17 15.36
N THR B 163 -33.94 -8.81 15.64
CA THR B 163 -35.02 -8.87 14.63
C THR B 163 -35.56 -7.45 14.35
N ASP B 164 -35.82 -6.68 15.38
CA ASP B 164 -36.34 -5.29 15.21
C ASP B 164 -35.34 -4.45 14.42
N MET B 165 -34.06 -4.56 14.73
CA MET B 165 -33.02 -3.80 14.02
C MET B 165 -32.93 -4.23 12.56
N VAL B 166 -32.94 -5.54 12.27
CA VAL B 166 -32.89 -5.98 10.87
C VAL B 166 -34.08 -5.36 10.11
N ASN B 167 -35.27 -5.41 10.72
CA ASN B 167 -36.46 -4.87 10.08
C ASN B 167 -36.34 -3.38 9.85
N ALA B 168 -35.77 -2.67 10.84
CA ALA B 168 -35.51 -1.24 10.70
C ALA B 168 -34.56 -0.91 9.57
N LEU B 169 -33.52 -1.72 9.42
CA LEU B 169 -32.53 -1.55 8.34
C LEU B 169 -33.17 -1.79 6.96
N LYS B 170 -33.94 -2.85 6.84
CA LYS B 170 -34.68 -3.14 5.61
C LYS B 170 -35.62 -2.00 5.24
N LYS B 171 -36.21 -1.36 6.23
CA LYS B 171 -37.11 -0.22 5.98
C LYS B 171 -36.35 1.06 5.65
N GLU B 172 -35.19 1.26 6.27
CA GLU B 172 -34.37 2.46 5.95
C GLU B 172 -33.62 2.34 4.62
N PHE B 173 -33.20 1.13 4.27
CA PHE B 173 -32.35 0.92 3.12
C PHE B 173 -32.99 -0.07 2.15
N PRO B 174 -34.22 0.23 1.68
CA PRO B 174 -34.94 -0.78 0.94
C PRO B 174 -34.36 -1.12 -0.42
N ASP B 175 -33.63 -0.21 -1.06
CA ASP B 175 -33.05 -0.50 -2.38
C ASP B 175 -31.57 -0.85 -2.33
N TYR B 176 -31.02 -1.18 -1.16
CA TYR B 176 -29.58 -1.43 -1.05
C TYR B 176 -29.20 -2.87 -1.47
N GLY B 177 -30.16 -3.77 -1.65
CA GLY B 177 -29.88 -5.10 -2.14
C GLY B 177 -29.03 -5.91 -1.17
N LEU B 178 -29.34 -5.79 0.12
CA LEU B 178 -28.59 -6.45 1.17
C LEU B 178 -29.37 -7.61 1.74
N THR B 179 -28.65 -8.59 2.24
CA THR B 179 -29.19 -9.69 3.05
C THR B 179 -28.65 -9.54 4.46
N TYR B 180 -29.49 -9.92 5.41
CA TYR B 180 -29.19 -9.78 6.84
C TYR B 180 -29.34 -11.18 7.41
N SER B 181 -28.37 -11.64 8.15
CA SER B 181 -28.43 -12.96 8.74
C SER B 181 -28.08 -12.94 10.22
N ILE B 182 -29.05 -13.23 11.05
CA ILE B 182 -28.85 -13.26 12.50
C ILE B 182 -28.27 -14.61 12.86
N GLY B 183 -27.11 -14.61 13.52
CA GLY B 183 -26.54 -15.87 14.02
C GLY B 183 -25.79 -15.69 15.32
N GLY B 184 -25.60 -16.79 16.05
CA GLY B 184 -24.90 -16.74 17.34
C GLY B 184 -25.64 -15.92 18.39
N GLN B 185 -24.91 -15.39 19.35
CA GLN B 185 -25.52 -14.81 20.54
C GLN B 185 -25.79 -13.30 20.43
N ILE B 186 -24.91 -12.57 19.76
CA ILE B 186 -24.82 -11.12 19.94
C ILE B 186 -24.86 -10.26 18.67
N SER B 187 -24.96 -10.87 17.50
CA SER B 187 -24.73 -10.16 16.23
C SER B 187 -25.56 -10.63 15.09
N PHE B 188 -25.45 -9.90 13.97
CA PHE B 188 -25.95 -10.34 12.69
C PHE B 188 -25.01 -9.90 11.60
N ASP B 189 -24.99 -10.61 10.46
CA ASP B 189 -24.22 -10.21 9.32
C ASP B 189 -25.03 -9.42 8.31
N VAL B 190 -24.34 -8.55 7.58
CA VAL B 190 -24.90 -7.78 6.51
C VAL B 190 -23.98 -7.91 5.30
N PHE B 191 -24.55 -8.33 4.17
CA PHE B 191 -23.80 -8.41 2.95
C PHE B 191 -24.70 -8.30 1.71
N PRO B 192 -24.13 -8.06 0.52
CA PRO B 192 -24.94 -8.05 -0.70
C PRO B 192 -25.62 -9.40 -0.93
N THR B 193 -26.83 -9.36 -1.42
CA THR B 193 -27.58 -10.59 -1.64
C THR B 193 -26.80 -11.50 -2.54
N GLY B 194 -26.73 -12.78 -2.11
CA GLY B 194 -25.94 -13.77 -2.86
C GLY B 194 -24.53 -13.97 -2.36
N TRP B 195 -24.05 -13.13 -1.45
CA TRP B 195 -22.68 -13.23 -0.97
C TRP B 195 -22.57 -14.11 0.26
N ASP B 196 -23.43 -15.13 0.31
CA ASP B 196 -23.29 -16.24 1.25
C ASP B 196 -22.32 -17.29 0.67
N LYS B 197 -22.18 -18.45 1.31
CA LYS B 197 -21.22 -19.44 0.83
C LYS B 197 -21.47 -19.94 -0.61
N THR B 198 -22.71 -19.82 -1.11
CA THR B 198 -23.00 -20.16 -2.53
C THR B 198 -22.24 -19.32 -3.52
N TYR B 199 -21.75 -18.16 -3.08
CA TYR B 199 -20.94 -17.32 -3.95
C TYR B 199 -19.78 -18.06 -4.54
N CYS B 200 -19.13 -18.94 -3.76
CA CYS B 200 -17.94 -19.62 -4.27
C CYS B 200 -18.21 -20.55 -5.46
N LEU B 201 -19.44 -20.98 -5.63
CA LEU B 201 -19.77 -21.92 -6.70
C LEU B 201 -19.50 -21.35 -8.09
N ARG B 202 -19.49 -20.04 -8.24
CA ARG B 202 -19.09 -19.43 -9.52
C ARG B 202 -17.71 -19.79 -9.95
N HIS B 203 -16.80 -19.92 -8.98
CA HIS B 203 -15.41 -20.27 -9.27
C HIS B 203 -15.30 -21.73 -9.72
N VAL B 204 -16.14 -22.56 -9.12
CA VAL B 204 -16.19 -24.00 -9.41
C VAL B 204 -16.74 -24.19 -10.82
N GLU B 205 -17.82 -23.49 -11.11
CA GLU B 205 -18.44 -23.50 -12.44
C GLU B 205 -17.52 -22.94 -13.53
N ALA B 206 -16.77 -21.88 -13.22
CA ALA B 206 -15.82 -21.31 -14.20
C ALA B 206 -14.67 -22.25 -14.58
N GLU B 207 -14.43 -23.31 -13.82
CA GLU B 207 -13.39 -24.27 -14.17
C GLU B 207 -13.57 -24.89 -15.54
N LYS B 208 -14.82 -24.93 -15.97
CA LYS B 208 -15.16 -25.46 -17.30
C LYS B 208 -14.35 -24.74 -18.40
N GLU B 209 -14.09 -23.44 -18.27
CA GLU B 209 -13.41 -22.66 -19.28
C GLU B 209 -11.91 -22.71 -19.11
N ILE B 210 -11.40 -23.28 -18.02
CA ILE B 210 -9.96 -23.37 -17.81
C ILE B 210 -9.46 -24.75 -18.22
N SER B 211 -9.68 -25.76 -17.39
CA SER B 211 -9.22 -27.09 -17.67
C SER B 211 -10.25 -27.86 -18.49
N GLY B 212 -11.47 -27.36 -18.60
CA GLY B 212 -12.54 -28.12 -19.23
C GLY B 212 -13.35 -28.96 -18.25
N VAL B 213 -12.93 -29.06 -16.98
CA VAL B 213 -13.62 -29.91 -16.01
C VAL B 213 -14.93 -29.26 -15.60
N GLU B 214 -15.99 -30.06 -15.71
CA GLU B 214 -17.33 -29.61 -15.38
C GLU B 214 -17.75 -30.31 -14.09
N TYR B 215 -17.81 -29.55 -12.99
CA TYR B 215 -18.10 -30.16 -11.67
C TYR B 215 -19.58 -30.38 -11.54
N THR B 216 -20.02 -31.60 -11.81
CA THR B 216 -21.45 -32.00 -11.66
C THR B 216 -21.73 -32.72 -10.35
N THR B 217 -20.72 -33.29 -9.71
CA THR B 217 -20.85 -33.79 -8.33
C THR B 217 -20.08 -32.84 -7.43
N ILE B 218 -20.80 -32.01 -6.68
CA ILE B 218 -20.20 -31.03 -5.79
C ILE B 218 -20.67 -31.38 -4.40
N HIS B 219 -19.81 -32.08 -3.66
CA HIS B 219 -20.07 -32.39 -2.29
C HIS B 219 -19.77 -31.18 -1.44
N PHE B 220 -20.65 -30.88 -0.49
CA PHE B 220 -20.39 -29.82 0.46
C PHE B 220 -20.55 -30.39 1.87
N PHE B 221 -19.61 -30.07 2.75
CA PHE B 221 -19.63 -30.51 4.13
C PHE B 221 -19.60 -29.26 5.03
N GLY B 222 -20.50 -29.23 6.01
CA GLY B 222 -20.64 -28.12 6.91
C GLY B 222 -21.35 -28.52 8.17
N ASP B 223 -21.13 -27.76 9.22
CA ASP B 223 -21.73 -28.01 10.50
C ASP B 223 -22.89 -27.09 10.84
N LYS B 224 -23.14 -26.04 10.05
CA LYS B 224 -24.26 -25.10 10.30
C LYS B 224 -25.23 -25.10 9.13
N CYS B 225 -25.77 -26.28 8.85
CA CYS B 225 -26.62 -26.53 7.68
C CYS B 225 -28.12 -26.33 7.88
N PHE B 226 -28.48 -25.97 9.09
CA PHE B 226 -29.85 -25.64 9.51
C PHE B 226 -30.22 -24.21 9.09
N PRO B 227 -31.53 -23.90 8.90
CA PRO B 227 -31.92 -22.54 8.53
C PRO B 227 -31.30 -21.51 9.48
N GLY B 228 -30.70 -20.46 8.91
CA GLY B 228 -30.02 -19.46 9.71
C GLY B 228 -28.54 -19.72 9.96
N GLY B 229 -28.07 -20.95 9.80
CA GLY B 229 -26.62 -21.23 9.84
C GLY B 229 -25.92 -20.76 8.59
N ASN B 230 -24.61 -20.54 8.65
CA ASN B 230 -23.84 -20.03 7.48
C ASN B 230 -23.60 -21.09 6.39
N ASP B 231 -23.97 -22.36 6.61
CA ASP B 231 -23.77 -23.42 5.61
C ASP B 231 -25.11 -23.76 4.95
N TYR B 232 -26.19 -23.15 5.42
CA TYR B 232 -27.57 -23.49 5.01
C TYR B 232 -27.77 -23.39 3.51
N GLU B 233 -27.43 -22.28 2.91
CA GLU B 233 -27.74 -22.01 1.53
C GLU B 233 -26.90 -22.93 0.63
N ILE B 234 -25.63 -23.09 0.93
CA ILE B 234 -24.76 -23.93 0.09
C ILE B 234 -25.14 -25.42 0.27
N TYR B 235 -25.51 -25.81 1.48
CA TYR B 235 -26.08 -27.14 1.72
C TYR B 235 -27.37 -27.43 0.93
N SER B 236 -28.28 -26.47 0.92
CA SER B 236 -29.60 -26.62 0.33
C SER B 236 -29.62 -26.44 -1.14
N ASP B 237 -28.59 -25.80 -1.69
CA ASP B 237 -28.58 -25.44 -3.11
C ASP B 237 -28.58 -26.76 -3.90
N PRO B 238 -29.46 -26.86 -4.94
CA PRO B 238 -29.53 -28.15 -5.67
C PRO B 238 -28.28 -28.51 -6.44
N ARG B 239 -27.35 -27.58 -6.63
CA ARG B 239 -26.06 -27.89 -7.22
C ARG B 239 -25.14 -28.74 -6.35
N THR B 240 -25.40 -28.82 -5.06
CA THR B 240 -24.55 -29.59 -4.17
C THR B 240 -25.23 -30.81 -3.65
N ILE B 241 -24.41 -31.80 -3.32
CA ILE B 241 -24.77 -32.88 -2.42
C ILE B 241 -24.25 -32.45 -1.06
N GLY B 242 -25.16 -32.02 -0.23
CA GLY B 242 -24.89 -31.51 1.07
C GLY B 242 -24.71 -32.62 2.08
N HIS B 243 -23.71 -32.45 2.96
CA HIS B 243 -23.46 -33.33 4.07
C HIS B 243 -23.33 -32.52 5.37
N SER B 244 -24.20 -32.82 6.34
CA SER B 244 -24.21 -32.12 7.61
C SER B 244 -23.32 -32.88 8.59
N VAL B 245 -22.44 -32.16 9.27
CA VAL B 245 -21.48 -32.75 10.23
C VAL B 245 -21.57 -32.12 11.61
N HIS B 246 -21.30 -32.91 12.66
CA HIS B 246 -21.32 -32.41 14.05
C HIS B 246 -19.95 -31.84 14.44
N GLY B 247 -18.92 -32.20 13.70
CA GLY B 247 -17.53 -31.83 14.00
C GLY B 247 -16.59 -32.60 13.12
N PRO B 248 -15.29 -32.36 13.25
CA PRO B 248 -14.30 -32.98 12.35
C PRO B 248 -14.23 -34.50 12.41
N GLU B 249 -14.55 -35.10 13.56
CA GLU B 249 -14.59 -36.54 13.66
C GLU B 249 -15.71 -37.08 12.77
N ASP B 250 -16.85 -36.39 12.80
CA ASP B 250 -17.98 -36.76 12.00
C ASP B 250 -17.65 -36.57 10.51
N THR B 251 -16.98 -35.46 10.17
CA THR B 251 -16.50 -35.23 8.81
C THR B 251 -15.66 -36.40 8.29
N MET B 252 -14.67 -36.82 9.07
CA MET B 252 -13.81 -37.93 8.68
C MET B 252 -14.58 -39.24 8.47
N LYS B 253 -15.45 -39.57 9.40
CA LYS B 253 -16.30 -40.76 9.29
C LYS B 253 -17.11 -40.75 7.98
N GLN B 254 -17.79 -39.63 7.68
CA GLN B 254 -18.63 -39.52 6.47
C GLN B 254 -17.80 -39.58 5.20
N LEU B 255 -16.64 -38.91 5.21
CA LEU B 255 -15.74 -38.90 4.07
C LEU B 255 -15.21 -40.29 3.74
N LYS B 256 -14.78 -40.99 4.79
CA LYS B 256 -14.30 -42.36 4.63
C LYS B 256 -15.38 -43.27 4.04
N GLU B 257 -16.63 -43.14 4.49
CA GLU B 257 -17.77 -43.88 3.88
C GLU B 257 -18.02 -43.45 2.47
N LEU B 258 -18.02 -42.14 2.26
CA LEU B 258 -18.33 -41.57 0.94
C LEU B 258 -17.36 -42.02 -0.19
N PHE B 259 -16.06 -42.17 0.13
CA PHE B 259 -15.05 -42.47 -0.86
C PHE B 259 -14.28 -43.81 -0.64
N GLN B 260 -14.74 -44.64 0.28
CA GLN B 260 -14.00 -45.88 0.67
C GLN B 260 -12.49 -45.64 1.02
N LEU B 261 -12.24 -44.70 1.93
CA LEU B 261 -10.90 -44.32 2.43
C LEU B 261 -10.62 -44.73 3.91
N GLY C 1 17.02 -21.28 44.14
CA GLY C 1 15.88 -21.30 43.15
C GLY C 1 15.58 -19.90 42.60
N SER C 2 14.33 -19.66 42.20
CA SER C 2 14.01 -18.45 41.47
C SER C 2 13.32 -17.30 42.26
N ALA C 3 13.19 -17.42 43.59
CA ALA C 3 12.33 -16.48 44.33
C ALA C 3 12.86 -15.03 44.25
N LEU C 4 11.96 -14.05 44.32
CA LEU C 4 12.33 -12.65 44.13
C LEU C 4 13.35 -12.13 45.11
N GLN C 5 13.26 -12.61 46.35
CA GLN C 5 14.21 -12.18 47.40
C GLN C 5 15.60 -12.84 47.23
N ASP C 6 15.71 -13.83 46.35
CA ASP C 6 16.98 -14.52 46.12
C ASP C 6 17.76 -14.05 44.89
N ARG C 7 17.22 -13.11 44.13
CA ARG C 7 17.94 -12.52 43.02
C ARG C 7 19.10 -11.76 43.60
N PRO C 8 20.32 -11.95 43.04
CA PRO C 8 21.51 -11.38 43.71
C PRO C 8 21.61 -9.86 43.65
N ILE C 9 21.13 -9.24 42.56
CA ILE C 9 21.03 -7.79 42.49
C ILE C 9 19.75 -7.33 43.17
N LYS C 10 19.91 -7.01 44.44
CA LYS C 10 18.81 -6.80 45.37
C LYS C 10 18.15 -5.47 45.06
N ASN C 11 16.87 -5.40 45.39
CA ASN C 11 16.02 -4.17 45.33
C ASN C 11 15.98 -3.61 43.92
N THR C 12 16.15 -4.47 42.94
CA THR C 12 16.31 -4.01 41.58
C THR C 12 15.30 -4.73 40.67
N ILE C 13 14.62 -3.94 39.84
CA ILE C 13 13.72 -4.49 38.83
C ILE C 13 13.91 -3.71 37.53
N CYS C 14 13.87 -4.42 36.40
CA CYS C 14 13.82 -3.79 35.08
C CYS C 14 12.42 -3.95 34.48
N LEU C 15 11.79 -2.82 34.13
CA LEU C 15 10.48 -2.79 33.48
C LEU C 15 10.61 -2.33 32.05
N PHE C 16 10.00 -3.07 31.13
CA PHE C 16 10.11 -2.72 29.72
C PHE C 16 8.77 -2.43 29.09
N ASP C 17 8.71 -1.35 28.35
CA ASP C 17 7.69 -1.19 27.32
C ASP C 17 7.84 -2.35 26.30
N VAL C 18 6.78 -2.69 25.59
CA VAL C 18 6.86 -3.80 24.62
C VAL C 18 7.18 -3.24 23.21
N ASP C 19 6.21 -2.54 22.62
CA ASP C 19 6.31 -2.15 21.20
C ASP C 19 7.40 -1.14 20.94
N GLU C 20 8.35 -1.52 20.10
CA GLU C 20 9.58 -0.79 19.76
C GLU C 20 10.56 -0.63 20.91
N THR C 21 10.44 -1.47 21.94
CA THR C 21 11.39 -1.51 23.05
C THR C 21 11.93 -2.94 23.15
N LEU C 22 11.04 -3.89 23.37
CA LEU C 22 11.38 -5.32 23.31
C LEU C 22 11.27 -5.94 21.91
N THR C 23 10.33 -5.46 21.11
CA THR C 23 10.00 -6.05 19.80
C THR C 23 9.77 -4.95 18.78
N PRO C 24 9.91 -5.23 17.47
CA PRO C 24 9.31 -4.26 16.55
C PRO C 24 7.79 -4.13 16.79
N ALA C 25 7.26 -2.95 16.50
CA ALA C 25 5.85 -2.63 16.85
C ALA C 25 4.96 -3.70 16.26
N ARG C 26 4.20 -4.39 17.11
CA ARG C 26 3.21 -5.41 16.73
C ARG C 26 3.81 -6.57 15.89
N ARG C 27 5.06 -6.88 16.13
CA ARG C 27 5.73 -8.05 15.54
C ARG C 27 6.45 -8.81 16.64
N ALA C 28 7.07 -9.92 16.29
CA ALA C 28 7.52 -10.86 17.26
C ALA C 28 8.91 -10.42 17.85
N VAL C 29 9.10 -10.75 19.09
CA VAL C 29 10.40 -10.62 19.75
C VAL C 29 11.43 -11.45 18.99
N THR C 30 12.68 -11.02 19.03
CA THR C 30 13.79 -11.85 18.51
C THR C 30 14.27 -12.86 19.58
N PRO C 31 14.88 -13.98 19.13
CA PRO C 31 15.52 -14.89 20.08
C PRO C 31 16.64 -14.26 20.91
N GLU C 32 17.39 -13.35 20.29
CA GLU C 32 18.47 -12.63 21.00
C GLU C 32 17.93 -11.82 22.20
N MET C 33 16.82 -11.13 22.02
CA MET C 33 16.18 -10.40 23.11
C MET C 33 15.65 -11.31 24.20
N LEU C 34 14.97 -12.39 23.83
CA LEU C 34 14.52 -13.36 24.84
C LEU C 34 15.70 -13.91 25.63
N MET C 35 16.78 -14.23 24.93
CA MET C 35 17.96 -14.77 25.61
C MET C 35 18.50 -13.74 26.62
N LEU C 36 18.64 -12.49 26.19
CA LEU C 36 19.11 -11.41 27.06
C LEU C 36 18.17 -11.18 28.27
N LEU C 37 16.86 -11.21 28.04
CA LEU C 37 15.93 -11.06 29.14
C LEU C 37 16.10 -12.19 30.16
N SER C 38 16.25 -13.42 29.69
CA SER C 38 16.43 -14.53 30.59
C SER C 38 17.72 -14.39 31.41
N GLN C 39 18.80 -13.92 30.78
CA GLN C 39 20.05 -13.68 31.48
C GLN C 39 19.87 -12.61 32.54
N LEU C 40 19.19 -11.54 32.14
CA LEU C 40 18.92 -10.44 33.09
C LEU C 40 18.14 -10.96 34.29
N ARG C 41 17.20 -11.85 34.02
CA ARG C 41 16.32 -12.38 35.05
C ARG C 41 17.06 -13.19 36.14
N HIS C 42 18.24 -13.72 35.83
CA HIS C 42 19.12 -14.37 36.88
C HIS C 42 19.79 -13.35 37.77
N LYS C 43 19.84 -12.10 37.36
CA LYS C 43 20.42 -11.01 38.19
C LYS C 43 19.37 -10.27 38.99
N CYS C 44 18.25 -9.88 38.37
CA CYS C 44 17.23 -9.06 39.02
C CYS C 44 15.81 -9.42 38.57
N ALA C 45 14.82 -8.74 39.12
CA ALA C 45 13.44 -8.88 38.70
C ALA C 45 13.26 -8.21 37.34
N ILE C 46 12.45 -8.82 36.49
CA ILE C 46 12.05 -8.21 35.24
C ILE C 46 10.55 -8.21 35.03
N GLY C 47 10.09 -7.21 34.30
CA GLY C 47 8.69 -7.12 33.93
C GLY C 47 8.46 -6.31 32.69
N TYR C 48 7.25 -6.39 32.16
CA TYR C 48 6.91 -5.52 31.04
C TYR C 48 5.65 -4.79 31.40
N VAL C 49 5.50 -3.64 30.74
CA VAL C 49 4.27 -2.86 30.84
C VAL C 49 3.93 -2.35 29.43
N GLY C 50 2.73 -2.66 28.98
CA GLY C 50 2.30 -2.27 27.66
C GLY C 50 0.83 -1.85 27.68
N GLY C 51 0.46 -1.02 26.69
CA GLY C 51 -0.91 -0.56 26.55
C GLY C 51 -1.90 -1.65 26.19
N SER C 52 -1.48 -2.61 25.35
CA SER C 52 -2.39 -3.60 24.78
C SER C 52 -2.68 -4.73 25.77
N ASN C 53 -3.64 -5.57 25.40
CA ASN C 53 -4.09 -6.65 26.25
C ASN C 53 -3.11 -7.83 26.21
N LEU C 54 -3.32 -8.77 27.13
CA LEU C 54 -2.45 -9.90 27.30
C LEU C 54 -2.25 -10.68 26.00
N ALA C 55 -3.33 -10.89 25.24
CA ALA C 55 -3.28 -11.68 23.99
C ALA C 55 -2.27 -11.15 23.02
N LYS C 56 -2.16 -9.81 22.94
CA LYS C 56 -1.15 -9.18 22.11
C LYS C 56 0.25 -9.49 22.57
N GLN C 57 0.49 -9.40 23.88
CA GLN C 57 1.83 -9.72 24.39
C GLN C 57 2.15 -11.20 24.18
N GLN C 58 1.12 -12.04 24.30
CA GLN C 58 1.28 -13.47 24.08
C GLN C 58 1.71 -13.74 22.65
N GLU C 59 1.14 -13.01 21.69
CA GLU C 59 1.52 -13.19 20.29
C GLU C 59 2.91 -12.67 19.99
N GLN C 60 3.27 -11.50 20.54
CA GLN C 60 4.58 -10.91 20.25
C GLN C 60 5.72 -11.53 21.03
N LEU C 61 5.48 -11.91 22.29
CA LEU C 61 6.60 -12.36 23.16
C LEU C 61 6.60 -13.88 23.42
N GLY C 62 5.45 -14.50 23.30
CA GLY C 62 5.32 -15.93 23.60
C GLY C 62 5.09 -16.78 22.38
N THR C 63 4.75 -18.05 22.61
CA THR C 63 4.44 -19.05 21.56
C THR C 63 3.34 -19.98 22.08
N GLY C 64 3.01 -20.99 21.29
CA GLY C 64 2.03 -22.02 21.68
C GLY C 64 2.60 -22.89 22.74
N ALA C 65 3.92 -23.07 22.77
CA ALA C 65 4.55 -23.84 23.86
C ALA C 65 4.82 -22.91 25.05
N THR C 66 5.10 -21.62 24.83
CA THR C 66 5.44 -20.79 26.01
C THR C 66 4.48 -19.61 26.28
N ASP C 67 3.87 -19.65 27.46
CA ASP C 67 3.02 -18.61 27.99
C ASP C 67 3.93 -17.41 28.31
N VAL C 68 3.57 -16.23 27.82
CA VAL C 68 4.33 -15.01 28.09
C VAL C 68 4.50 -14.75 29.59
N THR C 69 3.55 -15.16 30.43
CA THR C 69 3.66 -14.91 31.86
C THR C 69 4.79 -15.70 32.53
N SER C 70 5.31 -16.73 31.84
CA SER C 70 6.44 -17.52 32.33
C SER C 70 7.76 -16.84 32.09
N LEU C 71 7.78 -15.82 31.25
CA LEU C 71 9.01 -15.17 30.82
C LEU C 71 9.37 -13.94 31.63
N PHE C 72 8.44 -13.45 32.45
CA PHE C 72 8.66 -12.24 33.24
C PHE C 72 8.14 -12.46 34.63
N ASP C 73 8.81 -11.85 35.60
CA ASP C 73 8.35 -11.89 36.97
C ASP C 73 7.04 -11.13 37.12
N PHE C 74 6.92 -9.99 36.42
CA PHE C 74 5.73 -9.17 36.42
C PHE C 74 5.31 -8.91 34.99
N CYS C 75 4.03 -9.16 34.69
CA CYS C 75 3.43 -8.81 33.41
C CYS C 75 2.34 -7.76 33.64
N PHE C 76 2.43 -6.64 32.94
CA PHE C 76 1.46 -5.55 33.11
C PHE C 76 0.82 -5.16 31.78
N PRO C 77 -0.10 -5.97 31.23
CA PRO C 77 -0.84 -5.54 30.07
C PRO C 77 -1.78 -4.40 30.54
N GLU C 78 -2.20 -3.59 29.57
CA GLU C 78 -3.16 -2.49 29.81
C GLU C 78 -2.66 -1.55 30.92
N ASN C 79 -1.39 -1.21 30.86
CA ASN C 79 -0.67 -0.28 31.78
C ASN C 79 -0.67 -0.79 33.23
N GLY C 80 -0.82 -2.08 33.49
CA GLY C 80 -0.94 -2.55 34.86
C GLY C 80 -2.37 -2.61 35.36
N LEU C 81 -3.38 -2.23 34.59
CA LEU C 81 -4.76 -2.49 35.03
C LEU C 81 -5.01 -3.98 35.16
N MET C 82 -4.29 -4.75 34.34
CA MET C 82 -4.15 -6.18 34.55
C MET C 82 -2.71 -6.45 34.98
N ALA C 83 -2.53 -7.49 35.79
CA ALA C 83 -1.23 -7.76 36.33
C ALA C 83 -1.07 -9.19 36.72
N PHE C 84 0.12 -9.72 36.41
CA PHE C 84 0.55 -11.03 36.82
C PHE C 84 1.90 -10.94 37.56
N ARG C 85 2.01 -11.72 38.62
CA ARG C 85 3.20 -11.89 39.41
C ARG C 85 3.54 -13.36 39.37
N LEU C 86 4.67 -13.70 38.77
CA LEU C 86 5.14 -15.09 38.62
C LEU C 86 4.05 -16.01 38.08
N GLY C 87 3.31 -15.53 37.08
CA GLY C 87 2.26 -16.30 36.45
C GLY C 87 0.90 -16.28 37.12
N LYS C 88 0.77 -15.67 38.31
CA LYS C 88 -0.50 -15.59 39.01
C LYS C 88 -1.11 -14.24 38.85
N PRO C 89 -2.44 -14.21 38.58
CA PRO C 89 -3.11 -12.91 38.37
C PRO C 89 -3.16 -12.15 39.69
N LEU C 90 -2.91 -10.86 39.62
CA LEU C 90 -3.08 -10.00 40.77
C LEU C 90 -4.47 -9.36 40.68
N ALA C 91 -4.98 -8.97 41.85
CA ALA C 91 -6.26 -8.28 41.95
C ALA C 91 -6.14 -6.99 41.14
N SER C 92 -7.23 -6.64 40.46
CA SER C 92 -7.23 -5.52 39.53
C SER C 92 -8.56 -4.75 39.62
N THR C 93 -8.51 -3.54 39.07
CA THR C 93 -9.68 -2.78 38.80
C THR C 93 -9.84 -2.70 37.28
N SER C 94 -10.92 -2.05 36.85
CA SER C 94 -11.25 -1.94 35.44
C SER C 94 -11.99 -0.64 35.21
N PHE C 95 -12.00 -0.23 33.94
CA PHE C 95 -12.65 0.99 33.54
C PHE C 95 -14.16 0.89 33.87
N ILE C 96 -14.79 -0.24 33.54
CA ILE C 96 -16.21 -0.40 33.77
C ILE C 96 -16.57 -0.39 35.26
N GLU C 97 -15.67 -0.96 36.08
CA GLU C 97 -15.85 -0.89 37.53
C GLU C 97 -15.74 0.55 38.03
N TRP C 98 -14.77 1.31 37.52
CA TRP C 98 -14.54 2.67 37.96
C TRP C 98 -15.71 3.63 37.57
N ILE C 99 -16.18 3.50 36.35
CA ILE C 99 -17.20 4.43 35.78
C ILE C 99 -18.62 3.97 36.08
N GLY C 100 -18.82 2.67 36.05
CA GLY C 100 -20.16 2.06 36.18
C GLY C 100 -20.95 2.06 34.88
N GLU C 101 -21.90 1.15 34.79
CA GLU C 101 -22.71 0.94 33.59
C GLU C 101 -23.44 2.17 33.10
N GLU C 102 -24.04 2.91 34.00
CA GLU C 102 -24.90 4.02 33.60
C GLU C 102 -24.05 5.16 32.96
N LYS C 103 -22.98 5.54 33.62
CA LYS C 103 -22.13 6.57 33.05
C LYS C 103 -21.37 6.05 31.82
N TYR C 104 -21.00 4.77 31.80
CA TYR C 104 -20.38 4.17 30.62
C TYR C 104 -21.29 4.34 29.42
N GLN C 105 -22.58 4.05 29.61
CA GLN C 105 -23.53 4.21 28.52
C GLN C 105 -23.67 5.67 28.12
N LYS C 106 -23.64 6.60 29.05
CA LYS C 106 -23.68 8.02 28.68
C LYS C 106 -22.49 8.35 27.76
N LEU C 107 -21.32 7.85 28.14
CA LEU C 107 -20.10 8.08 27.36
C LEU C 107 -20.18 7.49 25.97
N VAL C 108 -20.54 6.23 25.92
CA VAL C 108 -20.54 5.45 24.67
C VAL C 108 -21.65 5.96 23.75
N ASN C 109 -22.82 6.30 24.30
CA ASN C 109 -23.89 6.86 23.49
C ASN C 109 -23.49 8.18 22.86
N PHE C 110 -22.82 9.02 23.63
CA PHE C 110 -22.34 10.27 23.09
C PHE C 110 -21.34 10.05 21.95
N ILE C 111 -20.43 9.09 22.15
CA ILE C 111 -19.44 8.78 21.13
C ILE C 111 -20.09 8.23 19.86
N LEU C 112 -21.05 7.33 20.03
CA LEU C 112 -21.77 6.77 18.91
C LEU C 112 -22.56 7.85 18.17
N ARG C 113 -23.25 8.72 18.88
CA ARG C 113 -23.98 9.80 18.23
C ARG C 113 -23.05 10.76 17.51
N TYR C 114 -21.91 11.03 18.13
CA TYR C 114 -20.94 11.92 17.53
C TYR C 114 -20.47 11.32 16.17
N PHE C 115 -20.17 10.02 16.18
CA PHE C 115 -19.72 9.37 14.97
C PHE C 115 -20.83 9.29 13.93
N ALA C 116 -22.09 9.15 14.34
CA ALA C 116 -23.19 9.16 13.40
C ALA C 116 -23.28 10.51 12.68
N ASP C 117 -22.94 11.61 13.38
CA ASP C 117 -22.98 12.94 12.79
C ASP C 117 -21.70 13.30 12.04
N LEU C 118 -20.63 12.54 12.25
CA LEU C 118 -19.35 12.86 11.64
C LEU C 118 -19.29 12.38 10.19
N GLN C 119 -18.90 13.28 9.31
CA GLN C 119 -18.79 12.99 7.88
C GLN C 119 -17.30 12.83 7.59
N LEU C 120 -16.92 11.72 6.97
CA LEU C 120 -15.49 11.48 6.69
C LEU C 120 -15.30 11.00 5.27
N PRO C 121 -14.06 11.05 4.74
CA PRO C 121 -13.81 10.37 3.46
C PRO C 121 -14.17 8.87 3.48
N LYS C 122 -13.79 8.20 4.55
CA LYS C 122 -14.05 6.75 4.69
C LYS C 122 -14.37 6.38 6.14
N LYS C 123 -15.32 5.47 6.28
CA LYS C 123 -15.52 4.71 7.51
C LYS C 123 -15.38 3.22 7.23
N ARG C 124 -14.96 2.49 8.24
CA ARG C 124 -14.75 1.03 8.14
C ARG C 124 -15.54 0.33 9.25
N GLY C 125 -14.88 -0.06 10.33
CA GLY C 125 -15.44 -0.73 11.51
C GLY C 125 -14.50 -0.66 12.69
N THR C 126 -14.99 -1.00 13.87
CA THR C 126 -14.32 -0.95 15.20
C THR C 126 -13.91 0.48 15.53
N PHE C 127 -14.93 1.31 15.61
CA PHE C 127 -14.88 2.74 15.98
C PHE C 127 -14.60 2.85 17.48
N ILE C 128 -15.09 1.88 18.25
CA ILE C 128 -14.96 1.90 19.74
C ILE C 128 -14.53 0.54 20.24
N GLU C 129 -13.39 0.51 20.90
CA GLU C 129 -12.90 -0.73 21.51
C GLU C 129 -12.92 -0.57 23.02
N PHE C 130 -13.70 -1.41 23.68
CA PHE C 130 -13.83 -1.47 25.13
C PHE C 130 -12.74 -2.39 25.70
N ARG C 131 -11.90 -1.85 26.57
CA ARG C 131 -10.80 -2.57 27.17
C ARG C 131 -10.94 -2.44 28.69
N ASN C 132 -10.08 -3.16 29.38
CA ASN C 132 -10.03 -3.16 30.84
C ASN C 132 -9.55 -1.85 31.41
N GLY C 133 -8.65 -1.13 30.73
CA GLY C 133 -8.08 0.09 31.23
C GLY C 133 -8.45 1.38 30.51
N MET C 134 -9.33 1.31 29.50
CA MET C 134 -9.61 2.46 28.69
C MET C 134 -10.71 2.10 27.66
N ILE C 135 -11.22 3.11 26.94
CA ILE C 135 -11.73 2.83 25.59
C ILE C 135 -10.81 3.48 24.54
N ASN C 136 -10.72 2.82 23.40
CA ASN C 136 -9.97 3.33 22.26
C ASN C 136 -11.03 3.70 21.21
N VAL C 137 -10.89 4.90 20.64
CA VAL C 137 -11.92 5.51 19.84
C VAL C 137 -11.27 5.88 18.51
N SER C 138 -11.80 5.39 17.38
CA SER C 138 -11.23 5.63 16.05
C SER C 138 -12.32 6.09 15.10
N PRO C 139 -12.24 7.32 14.57
CA PRO C 139 -13.30 7.78 13.69
C PRO C 139 -13.41 7.01 12.36
N ILE C 140 -12.29 6.56 11.81
CA ILE C 140 -12.31 5.71 10.65
C ILE C 140 -12.56 4.26 11.02
N GLY C 141 -12.07 3.87 12.19
CA GLY C 141 -12.26 2.50 12.70
C GLY C 141 -10.96 1.72 12.55
N ARG C 142 -10.67 0.85 13.52
CA ARG C 142 -9.44 0.06 13.53
C ARG C 142 -9.37 -1.00 12.41
N ASN C 143 -10.50 -1.35 11.80
CA ASN C 143 -10.51 -2.26 10.66
C ASN C 143 -9.94 -1.62 9.41
N ALA C 144 -9.62 -0.32 9.46
CA ALA C 144 -8.93 0.34 8.36
C ALA C 144 -7.65 -0.42 8.02
N SER C 145 -7.38 -0.57 6.72
CA SER C 145 -6.13 -1.21 6.26
C SER C 145 -4.95 -0.29 6.54
N VAL C 146 -3.74 -0.86 6.38
CA VAL C 146 -2.50 -0.11 6.53
C VAL C 146 -2.56 1.19 5.72
N GLU C 147 -2.92 1.08 4.45
CA GLU C 147 -2.96 2.19 3.54
C GLU C 147 -4.09 3.17 3.93
N GLU C 148 -5.26 2.67 4.32
CA GLU C 148 -6.35 3.55 4.79
C GLU C 148 -5.95 4.36 6.05
N ARG C 149 -5.21 3.73 6.95
CA ARG C 149 -4.75 4.39 8.14
C ARG C 149 -3.76 5.52 7.80
N ASN C 150 -2.85 5.25 6.85
CA ASN C 150 -1.91 6.27 6.38
C ASN C 150 -2.68 7.45 5.85
N GLU C 151 -3.70 7.17 5.05
CA GLU C 151 -4.47 8.26 4.47
C GLU C 151 -5.28 9.01 5.51
N PHE C 152 -5.81 8.29 6.49
CA PHE C 152 -6.58 8.97 7.55
C PHE C 152 -5.68 9.88 8.34
N GLU C 153 -4.49 9.42 8.68
CA GLU C 153 -3.54 10.23 9.45
C GLU C 153 -3.26 11.59 8.83
N ALA C 154 -3.11 11.59 7.51
CA ALA C 154 -2.81 12.83 6.77
C ALA C 154 -4.03 13.69 6.75
N TYR C 155 -5.17 13.06 6.51
CA TYR C 155 -6.44 13.79 6.57
C TYR C 155 -6.65 14.45 7.97
N ASP C 156 -6.37 13.69 9.01
CA ASP C 156 -6.51 14.16 10.40
C ASP C 156 -5.54 15.27 10.73
N LYS C 157 -4.29 15.17 10.25
CA LYS C 157 -3.33 16.30 10.36
C LYS C 157 -3.91 17.58 9.84
N GLU C 158 -4.61 17.53 8.73
CA GLU C 158 -5.20 18.71 8.11
C GLU C 158 -6.50 19.14 8.80
N HIS C 159 -7.35 18.18 9.13
CA HIS C 159 -8.71 18.51 9.56
C HIS C 159 -9.01 18.43 11.06
N HIS C 160 -8.05 17.99 11.86
CA HIS C 160 -8.17 17.89 13.33
C HIS C 160 -9.40 17.08 13.79
N ILE C 161 -9.66 15.93 13.18
CA ILE C 161 -10.82 15.07 13.55
C ILE C 161 -10.66 14.57 15.01
N ARG C 162 -9.51 13.97 15.30
CA ARG C 162 -9.24 13.41 16.64
C ARG C 162 -9.27 14.54 17.68
N THR C 163 -8.61 15.66 17.41
CA THR C 163 -8.54 16.79 18.33
C THR C 163 -9.90 17.38 18.59
N ASP C 164 -10.67 17.59 17.54
CA ASP C 164 -12.00 18.15 17.77
C ASP C 164 -12.90 17.20 18.55
N MET C 165 -12.79 15.90 18.32
CA MET C 165 -13.63 14.97 19.06
C MET C 165 -13.18 14.90 20.53
N VAL C 166 -11.89 14.91 20.79
CA VAL C 166 -11.39 14.96 22.17
C VAL C 166 -11.97 16.22 22.87
N ASN C 167 -11.92 17.36 22.20
CA ASN C 167 -12.42 18.59 22.76
C ASN C 167 -13.92 18.51 23.01
N ALA C 168 -14.65 17.88 22.09
CA ALA C 168 -16.08 17.65 22.29
C ALA C 168 -16.40 16.81 23.52
N LEU C 169 -15.60 15.77 23.72
CA LEU C 169 -15.74 14.90 24.90
C LEU C 169 -15.45 15.64 26.22
N LYS C 170 -14.35 16.38 26.22
CA LYS C 170 -13.99 17.22 27.37
C LYS C 170 -15.08 18.23 27.70
N LYS C 171 -15.75 18.75 26.68
CA LYS C 171 -16.86 19.69 26.86
C LYS C 171 -18.11 19.01 27.39
N GLU C 172 -18.39 17.81 26.89
CA GLU C 172 -19.58 17.08 27.36
C GLU C 172 -19.42 16.45 28.75
N PHE C 173 -18.21 16.00 29.07
CA PHE C 173 -17.98 15.25 30.26
C PHE C 173 -16.91 15.94 31.12
N PRO C 174 -17.12 17.22 31.50
CA PRO C 174 -16.01 17.94 32.12
C PRO C 174 -15.62 17.48 33.50
N ASP C 175 -16.51 16.86 34.25
CA ASP C 175 -16.19 16.40 35.63
C ASP C 175 -15.96 14.89 35.69
N TYR C 176 -15.70 14.23 34.55
CA TYR C 176 -15.56 12.77 34.57
C TYR C 176 -14.16 12.28 34.98
N GLY C 177 -13.19 13.16 35.15
CA GLY C 177 -11.85 12.72 35.58
C GLY C 177 -11.16 11.80 34.56
N LEU C 178 -11.31 12.12 33.29
CA LEU C 178 -10.74 11.37 32.19
C LEU C 178 -9.57 12.11 31.57
N THR C 179 -8.61 11.35 31.10
CA THR C 179 -7.47 11.84 30.29
C THR C 179 -7.64 11.25 28.89
N TYR C 180 -7.22 12.03 27.91
CA TYR C 180 -7.37 11.74 26.51
C TYR C 180 -5.98 11.75 25.93
N SER C 181 -5.65 10.70 25.20
CA SER C 181 -4.36 10.66 24.55
C SER C 181 -4.51 10.28 23.09
N ILE C 182 -4.20 11.22 22.23
CA ILE C 182 -4.17 10.96 20.79
C ILE C 182 -2.84 10.33 20.46
N GLY C 183 -2.85 9.14 19.88
CA GLY C 183 -1.63 8.44 19.51
C GLY C 183 -1.81 7.65 18.22
N GLY C 184 -0.72 7.39 17.52
CA GLY C 184 -0.76 6.62 16.28
C GLY C 184 -1.53 7.35 15.20
N GLN C 185 -2.06 6.59 14.27
CA GLN C 185 -2.61 7.13 13.03
C GLN C 185 -4.10 7.43 13.09
N ILE C 186 -4.87 6.62 13.79
CA ILE C 186 -6.33 6.61 13.59
C ILE C 186 -7.19 6.68 14.85
N SER C 187 -6.60 6.79 16.04
CA SER C 187 -7.39 6.68 17.28
C SER C 187 -6.91 7.60 18.40
N PHE C 188 -7.69 7.64 19.46
CA PHE C 188 -7.24 8.20 20.72
C PHE C 188 -7.78 7.36 21.85
N ASP C 189 -7.08 7.40 22.98
CA ASP C 189 -7.50 6.63 24.16
C ASP C 189 -8.20 7.55 25.14
N VAL C 190 -9.11 6.96 25.90
CA VAL C 190 -9.86 7.66 26.93
C VAL C 190 -9.78 6.78 28.17
N PHE C 191 -9.25 7.33 29.25
CA PHE C 191 -9.01 6.54 30.43
C PHE C 191 -9.00 7.42 31.68
N PRO C 192 -9.23 6.86 32.85
CA PRO C 192 -9.18 7.64 34.08
C PRO C 192 -7.81 8.25 34.30
N THR C 193 -7.78 9.48 34.72
CA THR C 193 -6.50 10.17 35.01
C THR C 193 -5.60 9.30 35.90
N GLY C 194 -4.36 9.11 35.49
CA GLY C 194 -3.42 8.30 36.24
C GLY C 194 -3.31 6.85 35.79
N TRP C 195 -4.17 6.44 34.85
CA TRP C 195 -4.12 5.08 34.32
C TRP C 195 -3.22 5.04 33.07
N ASP C 196 -2.13 5.79 33.13
CA ASP C 196 -0.99 5.67 32.23
C ASP C 196 -0.04 4.57 32.73
N LYS C 197 1.12 4.42 32.10
CA LYS C 197 2.01 3.30 32.49
C LYS C 197 2.51 3.38 33.95
N THR C 198 2.48 4.57 34.58
CA THR C 198 2.84 4.68 36.00
C THR C 198 1.93 3.87 36.90
N TYR C 199 0.73 3.55 36.42
CA TYR C 199 -0.19 2.75 37.19
C TYR C 199 0.44 1.44 37.66
N CYS C 200 1.26 0.81 36.80
CA CYS C 200 1.84 -0.49 37.17
C CYS C 200 2.77 -0.46 38.41
N LEU C 201 3.30 0.72 38.72
CA LEU C 201 4.25 0.85 39.81
C LEU C 201 3.64 0.47 41.18
N ARG C 202 2.31 0.52 41.30
CA ARG C 202 1.65 0.07 42.52
C ARG C 202 1.93 -1.39 42.82
N HIS C 203 2.01 -2.20 41.76
CA HIS C 203 2.24 -3.63 41.91
C HIS C 203 3.70 -3.90 42.33
N VAL C 204 4.59 -3.07 41.81
CA VAL C 204 6.01 -3.18 42.11
C VAL C 204 6.25 -2.80 43.57
N GLU C 205 5.64 -1.70 43.98
CA GLU C 205 5.69 -1.25 45.37
C GLU C 205 5.06 -2.26 46.35
N ALA C 206 3.94 -2.88 45.97
CA ALA C 206 3.28 -3.86 46.84
C ALA C 206 4.13 -5.11 47.15
N GLU C 207 5.17 -5.36 46.35
CA GLU C 207 6.01 -6.53 46.57
C GLU C 207 6.62 -6.58 47.97
N LYS C 208 6.83 -5.46 48.62
CA LYS C 208 7.45 -5.59 49.96
C LYS C 208 6.54 -6.32 50.96
N GLU C 209 5.23 -6.35 50.75
CA GLU C 209 4.40 -7.09 51.67
C GLU C 209 4.32 -8.56 51.33
N ILE C 210 4.86 -8.97 50.19
CA ILE C 210 4.85 -10.37 49.83
C ILE C 210 6.20 -11.01 50.15
N SER C 211 7.22 -10.74 49.33
CA SER C 211 8.51 -11.35 49.49
C SER C 211 9.37 -10.52 50.43
N GLY C 212 8.96 -9.27 50.70
CA GLY C 212 9.80 -8.35 51.50
C GLY C 212 10.69 -7.51 50.60
N VAL C 213 10.73 -7.76 49.29
CA VAL C 213 11.62 -7.01 48.38
C VAL C 213 11.05 -5.62 48.16
N GLU C 214 11.90 -4.64 48.40
CA GLU C 214 11.54 -3.25 48.27
C GLU C 214 12.29 -2.72 47.05
N TYR C 215 11.57 -2.48 45.95
CA TYR C 215 12.21 -2.10 44.70
C TYR C 215 12.56 -0.63 44.75
N THR C 216 13.83 -0.34 45.11
CA THR C 216 14.34 1.03 45.14
C THR C 216 15.08 1.42 43.87
N THR C 217 15.58 0.43 43.12
CA THR C 217 16.12 0.68 41.78
C THR C 217 15.10 0.10 40.78
N ILE C 218 14.37 0.98 40.10
CA ILE C 218 13.35 0.57 39.13
C ILE C 218 13.76 1.16 37.81
N HIS C 219 14.39 0.33 36.98
CA HIS C 219 14.73 0.73 35.64
C HIS C 219 13.52 0.62 34.75
N PHE C 220 13.31 1.63 33.92
CA PHE C 220 12.25 1.59 32.94
C PHE C 220 12.85 1.89 31.57
N PHE C 221 12.46 1.10 30.58
CA PHE C 221 12.89 1.26 29.20
C PHE C 221 11.68 1.47 28.30
N GLY C 222 11.76 2.48 27.47
CA GLY C 222 10.67 2.84 26.58
C GLY C 222 11.17 3.68 25.44
N ASP C 223 10.40 3.68 24.36
CA ASP C 223 10.74 4.42 23.17
C ASP C 223 9.95 5.70 22.98
N LYS C 224 8.91 5.97 23.78
CA LYS C 224 8.11 7.19 23.65
C LYS C 224 8.15 7.98 24.96
N CYS C 225 9.37 8.37 25.33
CA CYS C 225 9.69 9.03 26.61
C CYS C 225 9.61 10.56 26.61
N PHE C 226 9.34 11.11 25.45
CA PHE C 226 9.17 12.57 25.22
C PHE C 226 7.74 13.00 25.65
N PRO C 227 7.55 14.30 26.01
CA PRO C 227 6.20 14.75 26.37
C PRO C 227 5.17 14.37 25.31
N GLY C 228 4.04 13.82 25.72
CA GLY C 228 3.04 13.33 24.80
C GLY C 228 3.15 11.87 24.47
N GLY C 229 4.34 11.27 24.57
CA GLY C 229 4.49 9.84 24.35
C GLY C 229 3.92 9.03 25.52
N ASN C 230 3.51 7.79 25.30
CA ASN C 230 2.91 7.04 26.44
C ASN C 230 3.94 6.43 27.44
N ASP C 231 5.23 6.63 27.21
CA ASP C 231 6.23 6.29 28.21
C ASP C 231 6.69 7.50 29.00
N TYR C 232 6.14 8.67 28.73
CA TYR C 232 6.64 9.93 29.31
C TYR C 232 6.52 9.97 30.81
N GLU C 233 5.36 9.60 31.33
CA GLU C 233 5.09 9.71 32.76
C GLU C 233 5.95 8.71 33.54
N ILE C 234 6.02 7.48 33.06
CA ILE C 234 6.77 6.44 33.79
C ILE C 234 8.28 6.71 33.69
N TYR C 235 8.72 7.21 32.54
CA TYR C 235 10.12 7.68 32.39
C TYR C 235 10.49 8.82 33.34
N SER C 236 9.60 9.81 33.46
CA SER C 236 9.85 11.02 34.23
C SER C 236 9.64 10.85 35.70
N ASP C 237 8.91 9.82 36.10
CA ASP C 237 8.55 9.62 37.48
C ASP C 237 9.83 9.46 38.31
N PRO C 238 9.93 10.17 39.45
CA PRO C 238 11.18 10.09 40.24
C PRO C 238 11.47 8.72 40.83
N ARG C 239 10.49 7.83 40.87
CA ARG C 239 10.71 6.46 41.32
C ARG C 239 11.50 5.60 40.32
N THR C 240 11.62 6.03 39.07
CA THR C 240 12.28 5.22 38.06
C THR C 240 13.57 5.83 37.62
N ILE C 241 14.49 4.96 37.20
CA ILE C 241 15.60 5.32 36.36
C ILE C 241 15.16 5.00 34.97
N GLY C 242 14.84 6.07 34.25
CA GLY C 242 14.32 5.99 32.91
C GLY C 242 15.43 5.84 31.91
N HIS C 243 15.19 4.99 30.92
CA HIS C 243 16.08 4.80 29.77
C HIS C 243 15.27 4.93 28.49
N SER C 244 15.64 5.88 27.66
CA SER C 244 14.99 6.13 26.38
C SER C 244 15.70 5.31 25.32
N VAL C 245 14.92 4.56 24.50
CA VAL C 245 15.47 3.71 23.45
C VAL C 245 14.89 4.05 22.08
N HIS C 246 15.66 3.86 21.03
CA HIS C 246 15.21 4.12 19.64
C HIS C 246 14.52 2.89 19.05
N GLY C 247 14.72 1.72 19.66
CA GLY C 247 14.19 0.46 19.19
C GLY C 247 14.86 -0.69 19.93
N PRO C 248 14.51 -1.94 19.60
CA PRO C 248 15.02 -3.08 20.32
C PRO C 248 16.54 -3.28 20.27
N GLU C 249 17.18 -2.84 19.20
CA GLU C 249 18.62 -2.93 19.09
C GLU C 249 19.24 -2.00 20.15
N ASP C 250 18.66 -0.83 20.28
CA ASP C 250 19.13 0.14 21.26
C ASP C 250 18.87 -0.39 22.70
N THR C 251 17.71 -0.99 22.92
CA THR C 251 17.40 -1.65 24.19
C THR C 251 18.47 -2.67 24.60
N MET C 252 18.83 -3.55 23.68
CA MET C 252 19.85 -4.57 23.94
C MET C 252 21.21 -3.97 24.29
N LYS C 253 21.63 -2.98 23.49
CA LYS C 253 22.87 -2.26 23.74
C LYS C 253 22.91 -1.66 25.14
N GLN C 254 21.84 -0.96 25.54
CA GLN C 254 21.78 -0.29 26.87
C GLN C 254 21.76 -1.30 28.00
N LEU C 255 21.00 -2.38 27.82
CA LEU C 255 20.93 -3.43 28.83
C LEU C 255 22.26 -4.11 29.07
N LYS C 256 22.94 -4.43 27.98
CA LYS C 256 24.27 -5.02 28.07
C LYS C 256 25.25 -4.13 28.84
N GLU C 257 25.22 -2.81 28.56
CA GLU C 257 26.06 -1.84 29.29
C GLU C 257 25.63 -1.77 30.76
N LEU C 258 24.32 -1.66 30.95
CA LEU C 258 23.76 -1.45 32.29
C LEU C 258 24.06 -2.60 33.28
N PHE C 259 23.96 -3.83 32.82
CA PHE C 259 24.04 -5.01 33.71
C PHE C 259 25.27 -5.88 33.44
N GLN C 260 26.24 -5.39 32.68
CA GLN C 260 27.53 -6.08 32.34
C GLN C 260 27.33 -7.45 31.69
N LEU C 261 26.33 -7.47 30.83
CA LEU C 261 25.87 -8.61 30.00
C LEU C 261 26.49 -8.41 28.62
N GLY D 1 19.56 -14.65 -40.79
CA GLY D 1 18.11 -15.00 -40.94
C GLY D 1 17.59 -14.90 -42.37
N SER D 2 16.32 -15.20 -42.56
CA SER D 2 15.71 -15.23 -43.88
C SER D 2 14.81 -14.02 -44.18
N ALA D 3 14.82 -13.63 -45.45
CA ALA D 3 13.88 -12.64 -45.98
C ALA D 3 12.39 -13.08 -45.78
N LEU D 4 11.50 -12.11 -45.70
CA LEU D 4 10.09 -12.37 -45.42
C LEU D 4 9.39 -13.28 -46.44
N GLN D 5 9.80 -13.18 -47.69
CA GLN D 5 9.27 -14.02 -48.76
C GLN D 5 9.77 -15.47 -48.70
N ASP D 6 10.78 -15.74 -47.87
CA ASP D 6 11.34 -17.08 -47.74
C ASP D 6 10.88 -17.85 -46.51
N ARG D 7 10.07 -17.23 -45.65
CA ARG D 7 9.58 -17.92 -44.47
C ARG D 7 8.67 -19.04 -44.96
N PRO D 8 8.82 -20.26 -44.42
CA PRO D 8 8.06 -21.41 -44.98
C PRO D 8 6.56 -21.39 -44.76
N ILE D 9 6.10 -20.86 -43.62
CA ILE D 9 4.69 -20.72 -43.35
C ILE D 9 4.23 -19.40 -43.98
N LYS D 10 3.66 -19.59 -45.18
CA LYS D 10 3.38 -18.52 -46.10
C LYS D 10 2.22 -17.69 -45.60
N ASN D 11 2.28 -16.40 -45.93
CA ASN D 11 1.18 -15.48 -45.74
C ASN D 11 0.83 -15.28 -44.27
N THR D 12 1.78 -15.58 -43.38
CA THR D 12 1.46 -15.68 -41.98
C THR D 12 2.37 -14.76 -41.15
N ILE D 13 1.75 -14.01 -40.25
CA ILE D 13 2.48 -13.15 -39.29
C ILE D 13 1.84 -13.28 -37.92
N CYS D 14 2.67 -13.31 -36.87
CA CYS D 14 2.19 -13.22 -35.49
C CYS D 14 2.55 -11.86 -34.93
N LEU D 15 1.53 -11.14 -34.44
CA LEU D 15 1.68 -9.83 -33.79
C LEU D 15 1.39 -9.96 -32.33
N PHE D 16 2.29 -9.38 -31.55
CA PHE D 16 2.12 -9.53 -30.12
C PHE D 16 2.00 -8.18 -29.43
N ASP D 17 1.10 -8.18 -28.47
CA ASP D 17 1.07 -7.08 -27.49
C ASP D 17 2.34 -7.25 -26.60
N VAL D 18 2.91 -6.18 -26.05
CA VAL D 18 4.10 -6.36 -25.19
C VAL D 18 3.72 -6.68 -23.74
N ASP D 19 3.20 -5.70 -23.02
CA ASP D 19 2.92 -5.84 -21.55
C ASP D 19 1.87 -6.89 -21.22
N GLU D 20 2.32 -7.91 -20.50
CA GLU D 20 1.55 -9.07 -19.98
C GLU D 20 1.14 -10.01 -21.12
N THR D 21 1.87 -9.97 -22.22
CA THR D 21 1.68 -10.84 -23.41
C THR D 21 3.03 -11.48 -23.68
N LEU D 22 4.02 -10.66 -24.02
CA LEU D 22 5.41 -11.12 -24.16
C LEU D 22 6.22 -11.09 -22.86
N THR D 23 5.89 -10.17 -21.98
CA THR D 23 6.61 -9.95 -20.72
C THR D 23 5.74 -10.02 -19.50
N PRO D 24 6.32 -10.47 -18.38
CA PRO D 24 5.50 -10.46 -17.20
C PRO D 24 5.17 -9.02 -16.83
N ALA D 25 4.05 -8.84 -16.12
CA ALA D 25 3.61 -7.51 -15.69
C ALA D 25 4.80 -6.81 -15.02
N ARG D 26 5.17 -5.64 -15.57
CA ARG D 26 6.20 -4.77 -15.02
C ARG D 26 7.60 -5.43 -14.91
N ARG D 27 7.88 -6.41 -15.77
CA ARG D 27 9.22 -6.98 -15.86
C ARG D 27 9.64 -7.05 -17.32
N ALA D 28 10.91 -7.40 -17.51
CA ALA D 28 11.47 -7.64 -18.81
C ALA D 28 11.12 -9.06 -19.32
N VAL D 29 11.25 -9.22 -20.63
CA VAL D 29 11.01 -10.50 -21.26
C VAL D 29 11.97 -11.55 -20.67
N THR D 30 11.54 -12.81 -20.65
CA THR D 30 12.37 -13.92 -20.17
C THR D 30 13.20 -14.49 -21.34
N PRO D 31 14.30 -15.19 -21.04
CA PRO D 31 15.04 -15.89 -22.09
C PRO D 31 14.23 -16.97 -22.81
N GLU D 32 13.38 -17.65 -22.08
CA GLU D 32 12.49 -18.71 -22.65
C GLU D 32 11.57 -18.13 -23.74
N MET D 33 10.98 -16.95 -23.49
CA MET D 33 10.17 -16.29 -24.50
C MET D 33 10.98 -15.83 -25.70
N LEU D 34 12.14 -15.23 -25.49
CA LEU D 34 13.02 -14.87 -26.60
C LEU D 34 13.38 -16.08 -27.44
N MET D 35 13.69 -17.19 -26.78
CA MET D 35 14.02 -18.41 -27.51
C MET D 35 12.82 -18.85 -28.38
N LEU D 36 11.63 -18.88 -27.78
CA LEU D 36 10.43 -19.28 -28.50
C LEU D 36 10.11 -18.31 -29.68
N LEU D 37 10.26 -17.01 -29.46
CA LEU D 37 10.06 -16.07 -30.54
C LEU D 37 11.02 -16.30 -31.67
N SER D 38 12.29 -16.57 -31.38
CA SER D 38 13.26 -16.82 -32.43
C SER D 38 12.91 -18.08 -33.20
N GLN D 39 12.43 -19.13 -32.52
CA GLN D 39 11.99 -20.35 -33.22
C GLN D 39 10.81 -20.04 -34.12
N LEU D 40 9.87 -19.28 -33.59
CA LEU D 40 8.68 -18.90 -34.36
C LEU D 40 9.10 -18.14 -35.61
N ARG D 41 10.09 -17.28 -35.44
CA ARG D 41 10.57 -16.42 -36.51
C ARG D 41 11.18 -17.18 -37.71
N HIS D 42 11.66 -18.43 -37.50
CA HIS D 42 12.12 -19.28 -38.62
C HIS D 42 10.93 -19.82 -39.44
N LYS D 43 9.73 -19.82 -38.85
CA LYS D 43 8.54 -20.30 -39.54
C LYS D 43 7.75 -19.21 -40.22
N CYS D 44 7.52 -18.09 -39.53
CA CYS D 44 6.71 -16.99 -40.08
C CYS D 44 7.21 -15.63 -39.63
N ALA D 45 6.53 -14.58 -40.10
CA ALA D 45 6.83 -13.20 -39.68
C ALA D 45 6.37 -13.01 -38.23
N ILE D 46 7.15 -12.27 -37.45
CA ILE D 46 6.72 -11.82 -36.15
C ILE D 46 6.85 -10.32 -35.97
N GLY D 47 5.97 -9.78 -35.13
CA GLY D 47 6.05 -8.39 -34.74
C GLY D 47 5.42 -8.11 -33.42
N TYR D 48 5.62 -6.91 -32.89
CA TYR D 48 4.92 -6.49 -31.71
C TYR D 48 4.22 -5.19 -31.98
N VAL D 49 3.19 -4.95 -31.19
CA VAL D 49 2.47 -3.68 -31.21
C VAL D 49 2.15 -3.30 -29.76
N GLY D 50 2.60 -2.13 -29.33
CA GLY D 50 2.43 -1.66 -27.98
C GLY D 50 2.10 -0.17 -27.97
N GLY D 51 1.43 0.27 -26.90
CA GLY D 51 1.09 1.65 -26.68
C GLY D 51 2.28 2.58 -26.49
N SER D 52 3.30 2.10 -25.78
CA SER D 52 4.43 2.94 -25.36
C SER D 52 5.43 3.17 -26.47
N ASN D 53 6.37 4.07 -26.23
CA ASN D 53 7.38 4.42 -27.22
C ASN D 53 8.49 3.34 -27.31
N LEU D 54 9.32 3.48 -28.31
CA LEU D 54 10.37 2.52 -28.60
C LEU D 54 11.28 2.28 -27.39
N ALA D 55 11.65 3.35 -26.68
CA ALA D 55 12.56 3.25 -25.52
C ALA D 55 12.05 2.27 -24.48
N LYS D 56 10.74 2.28 -24.26
CA LYS D 56 10.11 1.34 -23.36
C LYS D 56 10.24 -0.09 -23.85
N GLN D 57 10.01 -0.33 -25.13
CA GLN D 57 10.16 -1.70 -25.65
C GLN D 57 11.61 -2.13 -25.64
N GLN D 58 12.53 -1.18 -25.82
CA GLN D 58 13.95 -1.49 -25.72
C GLN D 58 14.31 -1.93 -24.31
N GLU D 59 13.69 -1.32 -23.30
CA GLU D 59 13.88 -1.75 -21.91
C GLU D 59 13.26 -3.12 -21.62
N GLN D 60 12.05 -3.36 -22.10
CA GLN D 60 11.32 -4.61 -21.81
C GLN D 60 11.84 -5.80 -22.63
N LEU D 61 12.26 -5.56 -23.88
CA LEU D 61 12.60 -6.63 -24.82
C LEU D 61 14.05 -6.71 -25.26
N GLY D 62 14.73 -5.56 -25.34
CA GLY D 62 16.12 -5.43 -25.79
C GLY D 62 17.08 -5.38 -24.62
N THR D 63 18.34 -5.17 -24.94
CA THR D 63 19.44 -5.16 -23.97
C THR D 63 20.51 -4.18 -24.49
N GLY D 64 21.57 -4.01 -23.71
CA GLY D 64 22.76 -3.25 -24.16
C GLY D 64 23.45 -3.87 -25.36
N ALA D 65 23.35 -5.18 -25.54
CA ALA D 65 23.94 -5.83 -26.73
C ALA D 65 22.98 -5.94 -27.88
N THR D 66 21.67 -5.87 -27.64
CA THR D 66 20.69 -6.15 -28.68
C THR D 66 19.61 -5.06 -28.75
N ASP D 67 19.56 -4.38 -29.90
CA ASP D 67 18.49 -3.45 -30.25
C ASP D 67 17.21 -4.29 -30.47
N VAL D 68 16.11 -3.90 -29.81
CA VAL D 68 14.83 -4.58 -29.95
C VAL D 68 14.37 -4.71 -31.41
N THR D 69 14.73 -3.77 -32.28
CA THR D 69 14.34 -3.84 -33.68
C THR D 69 14.98 -5.03 -34.44
N SER D 70 16.04 -5.63 -33.86
CA SER D 70 16.71 -6.81 -34.44
C SER D 70 15.95 -8.11 -34.13
N LEU D 71 15.05 -8.05 -33.14
CA LEU D 71 14.39 -9.24 -32.64
C LEU D 71 13.03 -9.52 -33.27
N PHE D 72 12.51 -8.55 -34.03
CA PHE D 72 11.21 -8.69 -34.66
C PHE D 72 11.29 -8.19 -36.07
N ASP D 73 10.51 -8.81 -36.95
CA ASP D 73 10.41 -8.35 -38.31
C ASP D 73 9.75 -6.98 -38.38
N PHE D 74 8.71 -6.78 -37.54
CA PHE D 74 7.98 -5.54 -37.45
C PHE D 74 7.91 -5.11 -36.00
N CYS D 75 8.31 -3.87 -35.72
CA CYS D 75 8.13 -3.24 -34.42
C CYS D 75 7.15 -2.09 -34.53
N PHE D 76 6.11 -2.09 -33.72
CA PHE D 76 5.08 -1.06 -33.76
C PHE D 76 4.88 -0.40 -32.40
N PRO D 77 5.87 0.41 -31.97
CA PRO D 77 5.60 1.27 -30.84
C PRO D 77 4.45 2.21 -31.13
N GLU D 78 3.79 2.68 -30.07
CA GLU D 78 2.77 3.74 -30.19
C GLU D 78 1.65 3.31 -31.13
N ASN D 79 1.23 2.05 -30.98
CA ASN D 79 0.14 1.46 -31.77
C ASN D 79 0.45 1.37 -33.26
N GLY D 80 1.71 1.53 -33.65
CA GLY D 80 2.09 1.61 -35.04
C GLY D 80 2.21 2.99 -35.64
N LEU D 81 1.99 4.05 -34.86
CA LEU D 81 2.29 5.38 -35.33
C LEU D 81 3.79 5.54 -35.57
N MET D 82 4.59 4.78 -34.84
CA MET D 82 5.98 4.53 -35.20
C MET D 82 6.10 3.09 -35.67
N ALA D 83 6.99 2.83 -36.61
CA ALA D 83 7.09 1.52 -37.17
C ALA D 83 8.46 1.27 -37.74
N PHE D 84 8.90 0.04 -37.52
CA PHE D 84 10.13 -0.48 -38.07
C PHE D 84 9.86 -1.82 -38.78
N ARG D 85 10.51 -1.96 -39.93
CA ARG D 85 10.51 -3.17 -40.74
C ARG D 85 11.94 -3.61 -40.85
N LEU D 86 12.28 -4.76 -40.28
CA LEU D 86 13.64 -5.32 -40.31
C LEU D 86 14.71 -4.28 -39.91
N GLY D 87 14.42 -3.51 -38.88
CA GLY D 87 15.37 -2.53 -38.37
C GLY D 87 15.26 -1.15 -39.00
N LYS D 88 14.51 -0.98 -40.10
CA LYS D 88 14.42 0.28 -40.79
C LYS D 88 13.14 1.01 -40.45
N PRO D 89 13.23 2.33 -40.20
CA PRO D 89 12.04 3.09 -39.86
C PRO D 89 11.12 3.21 -41.05
N LEU D 90 9.83 3.10 -40.81
CA LEU D 90 8.83 3.50 -41.76
C LEU D 90 8.44 4.96 -41.52
N ALA D 91 7.96 5.60 -42.59
CA ALA D 91 7.42 6.95 -42.50
C ALA D 91 6.27 6.94 -41.53
N SER D 92 6.16 8.01 -40.76
CA SER D 92 5.18 8.10 -39.67
C SER D 92 4.62 9.52 -39.57
N THR D 93 3.54 9.63 -38.85
CA THR D 93 2.94 10.89 -38.50
C THR D 93 2.89 10.92 -36.99
N SER D 94 2.28 11.95 -36.43
CA SER D 94 2.16 12.13 -34.99
C SER D 94 0.85 12.87 -34.69
N PHE D 95 0.42 12.79 -33.44
CA PHE D 95 -0.82 13.41 -33.06
C PHE D 95 -0.80 14.91 -33.26
N ILE D 96 0.30 15.54 -32.84
CA ILE D 96 0.45 16.98 -32.96
C ILE D 96 0.46 17.43 -34.40
N GLU D 97 1.05 16.64 -35.28
CA GLU D 97 1.00 16.94 -36.72
C GLU D 97 -0.42 16.85 -37.26
N TRP D 98 -1.14 15.80 -36.86
CA TRP D 98 -2.46 15.53 -37.41
C TRP D 98 -3.50 16.60 -36.98
N ILE D 99 -3.44 16.97 -35.68
CA ILE D 99 -4.41 17.95 -35.11
C ILE D 99 -3.93 19.38 -35.32
N GLY D 100 -2.63 19.58 -35.28
CA GLY D 100 -2.04 20.90 -35.43
C GLY D 100 -1.88 21.57 -34.08
N GLU D 101 -0.88 22.45 -34.00
CA GLU D 101 -0.56 23.15 -32.72
C GLU D 101 -1.74 23.95 -32.17
N GLU D 102 -2.45 24.65 -33.04
CA GLU D 102 -3.49 25.54 -32.58
C GLU D 102 -4.68 24.80 -31.98
N LYS D 103 -5.15 23.78 -32.68
CA LYS D 103 -6.23 22.92 -32.15
C LYS D 103 -5.77 22.14 -30.91
N TYR D 104 -4.52 21.68 -30.92
CA TYR D 104 -3.97 20.98 -29.75
C TYR D 104 -4.04 21.90 -28.52
N GLN D 105 -3.66 23.17 -28.69
CA GLN D 105 -3.74 24.12 -27.60
C GLN D 105 -5.17 24.38 -27.15
N LYS D 106 -6.11 24.41 -28.08
CA LYS D 106 -7.51 24.54 -27.67
C LYS D 106 -7.90 23.38 -26.78
N LEU D 107 -7.49 22.18 -27.17
CA LEU D 107 -7.80 20.99 -26.40
C LEU D 107 -7.18 21.03 -24.99
N VAL D 108 -5.89 21.32 -24.95
CA VAL D 108 -5.13 21.37 -23.72
C VAL D 108 -5.68 22.43 -22.76
N ASN D 109 -5.92 23.61 -23.29
CA ASN D 109 -6.45 24.72 -22.51
C ASN D 109 -7.80 24.39 -21.88
N PHE D 110 -8.67 23.76 -22.66
CA PHE D 110 -9.94 23.29 -22.15
C PHE D 110 -9.75 22.31 -21.03
N ILE D 111 -8.84 21.36 -21.20
CA ILE D 111 -8.60 20.33 -20.20
C ILE D 111 -8.04 20.94 -18.91
N LEU D 112 -7.11 21.87 -19.05
CA LEU D 112 -6.51 22.55 -17.89
C LEU D 112 -7.58 23.34 -17.14
N ARG D 113 -8.41 24.09 -17.85
CA ARG D 113 -9.50 24.87 -17.25
C ARG D 113 -10.49 23.90 -16.59
N TYR D 114 -10.84 22.81 -17.29
CA TYR D 114 -11.79 21.81 -16.73
C TYR D 114 -11.26 21.32 -15.38
N PHE D 115 -9.97 21.00 -15.31
CA PHE D 115 -9.40 20.48 -14.09
C PHE D 115 -9.31 21.52 -13.00
N ALA D 116 -9.09 22.78 -13.34
CA ALA D 116 -9.10 23.83 -12.37
C ALA D 116 -10.47 23.98 -11.73
N ASP D 117 -11.54 23.79 -12.51
CA ASP D 117 -12.93 23.95 -12.04
C ASP D 117 -13.48 22.71 -11.41
N LEU D 118 -12.81 21.59 -11.59
CA LEU D 118 -13.32 20.32 -11.08
C LEU D 118 -13.08 20.20 -9.61
N GLN D 119 -14.09 19.75 -8.88
CA GLN D 119 -13.98 19.59 -7.43
C GLN D 119 -13.65 18.11 -7.18
N LEU D 120 -12.57 17.84 -6.45
CA LEU D 120 -12.11 16.49 -6.20
C LEU D 120 -11.59 16.45 -4.77
N PRO D 121 -11.62 15.27 -4.13
CA PRO D 121 -10.97 15.16 -2.81
C PRO D 121 -9.46 15.55 -2.89
N LYS D 122 -8.76 15.11 -3.94
CA LYS D 122 -7.36 15.33 -4.11
C LYS D 122 -6.95 15.64 -5.55
N LYS D 123 -6.05 16.59 -5.71
CA LYS D 123 -5.36 16.87 -6.97
C LYS D 123 -3.88 16.84 -6.74
N ARG D 124 -3.14 16.42 -7.76
CA ARG D 124 -1.70 16.24 -7.60
C ARG D 124 -0.95 16.95 -8.72
N GLY D 125 -0.56 16.21 -9.77
CA GLY D 125 0.28 16.72 -10.84
C GLY D 125 0.29 15.71 -11.97
N THR D 126 0.65 16.21 -13.15
CA THR D 126 0.79 15.36 -14.35
C THR D 126 -0.61 14.97 -14.83
N PHE D 127 -1.44 15.99 -15.01
CA PHE D 127 -2.78 15.92 -15.47
C PHE D 127 -2.85 15.55 -16.98
N ILE D 128 -1.86 15.98 -17.75
CA ILE D 128 -1.81 15.70 -19.17
C ILE D 128 -0.44 15.18 -19.47
N GLU D 129 -0.37 14.01 -20.07
CA GLU D 129 0.86 13.51 -20.65
C GLU D 129 0.77 13.47 -22.17
N PHE D 130 1.68 14.19 -22.81
CA PHE D 130 1.82 14.27 -24.25
C PHE D 130 2.68 13.12 -24.77
N ARG D 131 2.11 12.30 -25.66
CA ARG D 131 2.84 11.17 -26.29
C ARG D 131 2.76 11.39 -27.81
N ASN D 132 3.44 10.56 -28.56
CA ASN D 132 3.56 10.77 -30.01
C ASN D 132 2.23 10.55 -30.77
N GLY D 133 1.45 9.58 -30.33
CA GLY D 133 0.17 9.29 -30.96
C GLY D 133 -1.10 9.54 -30.18
N MET D 134 -0.99 10.11 -29.01
CA MET D 134 -2.14 10.35 -28.13
C MET D 134 -1.74 11.27 -26.97
N ILE D 135 -2.71 11.72 -26.20
CA ILE D 135 -2.44 12.24 -24.87
C ILE D 135 -3.18 11.36 -23.84
N ASN D 136 -2.62 11.33 -22.63
CA ASN D 136 -3.22 10.69 -21.51
C ASN D 136 -3.64 11.80 -20.53
N VAL D 137 -4.86 11.71 -20.02
CA VAL D 137 -5.50 12.79 -19.30
C VAL D 137 -5.95 12.22 -17.95
N SER D 138 -5.55 12.81 -16.82
CA SER D 138 -5.89 12.30 -15.48
C SER D 138 -6.39 13.44 -14.60
N PRO D 139 -7.63 13.35 -14.11
CA PRO D 139 -8.13 14.45 -13.27
C PRO D 139 -7.41 14.67 -11.95
N ILE D 140 -6.97 13.58 -11.34
CA ILE D 140 -6.17 13.66 -10.12
C ILE D 140 -4.72 13.89 -10.50
N GLY D 141 -4.27 13.36 -11.63
CA GLY D 141 -2.90 13.51 -12.08
C GLY D 141 -2.12 12.22 -11.83
N ARG D 142 -1.21 11.88 -12.75
CA ARG D 142 -0.41 10.64 -12.64
C ARG D 142 0.59 10.64 -11.49
N ASN D 143 0.91 11.82 -10.93
CA ASN D 143 1.77 11.87 -9.73
C ASN D 143 1.05 11.35 -8.49
N ALA D 144 -0.25 11.04 -8.59
CA ALA D 144 -0.96 10.36 -7.52
C ALA D 144 -0.23 9.10 -7.08
N SER D 145 -0.12 8.88 -5.78
CA SER D 145 0.50 7.65 -5.23
C SER D 145 -0.42 6.46 -5.49
N VAL D 146 0.13 5.29 -5.22
CA VAL D 146 -0.60 4.02 -5.31
C VAL D 146 -1.95 4.13 -4.59
N GLU D 147 -1.90 4.56 -3.33
CA GLU D 147 -3.11 4.66 -2.53
C GLU D 147 -4.02 5.77 -3.02
N GLU D 148 -3.48 6.90 -3.46
CA GLU D 148 -4.32 7.97 -4.05
C GLU D 148 -5.06 7.52 -5.32
N ARG D 149 -4.40 6.71 -6.12
CA ARG D 149 -5.03 6.16 -7.34
C ARG D 149 -6.17 5.22 -6.99
N ASN D 150 -5.96 4.37 -5.97
CA ASN D 150 -7.03 3.46 -5.50
C ASN D 150 -8.20 4.28 -5.04
N GLU D 151 -7.93 5.35 -4.29
CA GLU D 151 -9.02 6.19 -3.80
C GLU D 151 -9.72 6.91 -4.94
N PHE D 152 -8.95 7.36 -5.93
CA PHE D 152 -9.59 8.06 -7.06
C PHE D 152 -10.48 7.12 -7.82
N GLU D 153 -10.01 5.92 -8.09
CA GLU D 153 -10.80 4.92 -8.83
C GLU D 153 -12.19 4.69 -8.23
N ALA D 154 -12.25 4.61 -6.89
CA ALA D 154 -13.48 4.34 -6.19
C ALA D 154 -14.34 5.57 -6.25
N TYR D 155 -13.72 6.73 -6.05
CA TYR D 155 -14.43 7.99 -6.19
C TYR D 155 -15.04 8.14 -7.59
N ASP D 156 -14.25 7.82 -8.62
CA ASP D 156 -14.68 7.88 -10.02
C ASP D 156 -15.81 6.87 -10.34
N LYS D 157 -15.73 5.67 -9.79
CA LYS D 157 -16.85 4.68 -9.88
C LYS D 157 -18.15 5.32 -9.42
N GLU D 158 -18.11 6.06 -8.32
CA GLU D 158 -19.29 6.66 -7.76
C GLU D 158 -19.71 7.93 -8.51
N HIS D 159 -18.75 8.77 -8.89
CA HIS D 159 -19.08 10.09 -9.37
C HIS D 159 -18.98 10.30 -10.89
N HIS D 160 -18.45 9.30 -11.59
CA HIS D 160 -18.28 9.30 -13.05
C HIS D 160 -17.50 10.53 -13.53
N ILE D 161 -16.36 10.82 -12.90
CA ILE D 161 -15.54 12.01 -13.27
C ILE D 161 -15.04 11.85 -14.71
N ARG D 162 -14.45 10.70 -15.02
CA ARG D 162 -13.86 10.45 -16.35
C ARG D 162 -14.95 10.44 -17.42
N THR D 163 -16.04 9.74 -17.18
CA THR D 163 -17.14 9.68 -18.13
C THR D 163 -17.73 11.05 -18.41
N ASP D 164 -17.97 11.82 -17.36
CA ASP D 164 -18.52 13.15 -17.60
C ASP D 164 -17.53 14.05 -18.33
N MET D 165 -16.24 13.92 -18.07
CA MET D 165 -15.27 14.74 -18.77
C MET D 165 -15.16 14.31 -20.24
N VAL D 166 -15.17 13.02 -20.51
CA VAL D 166 -15.15 12.53 -21.90
C VAL D 166 -16.36 13.13 -22.65
N ASN D 167 -17.53 13.10 -22.00
CA ASN D 167 -18.73 13.61 -22.65
C ASN D 167 -18.63 15.10 -22.88
N ALA D 168 -18.05 15.82 -21.92
CA ALA D 168 -17.83 17.25 -22.08
C ALA D 168 -16.90 17.57 -23.23
N LEU D 169 -15.83 16.79 -23.39
CA LEU D 169 -14.88 16.96 -24.48
C LEU D 169 -15.53 16.70 -25.85
N LYS D 170 -16.30 15.62 -25.95
CA LYS D 170 -17.04 15.30 -27.17
C LYS D 170 -18.00 16.44 -27.54
N LYS D 171 -18.60 17.08 -26.55
CA LYS D 171 -19.52 18.19 -26.81
C LYS D 171 -18.77 19.48 -27.17
N GLU D 172 -17.60 19.71 -26.57
CA GLU D 172 -16.80 20.91 -26.91
C GLU D 172 -16.07 20.79 -28.25
N PHE D 173 -15.64 19.59 -28.59
CA PHE D 173 -14.81 19.36 -29.75
C PHE D 173 -15.46 18.36 -30.71
N PRO D 174 -16.69 18.66 -31.17
CA PRO D 174 -17.40 17.64 -31.91
C PRO D 174 -16.84 17.33 -33.29
N ASP D 175 -16.11 18.25 -33.92
CA ASP D 175 -15.51 18.01 -35.23
C ASP D 175 -14.02 17.67 -35.18
N TYR D 176 -13.49 17.33 -34.02
CA TYR D 176 -12.05 17.05 -33.89
C TYR D 176 -11.71 15.60 -34.28
N GLY D 177 -12.69 14.71 -34.45
CA GLY D 177 -12.42 13.37 -34.92
C GLY D 177 -11.56 12.55 -33.95
N LEU D 178 -11.84 12.66 -32.66
CA LEU D 178 -11.08 12.01 -31.62
C LEU D 178 -11.84 10.84 -31.03
N THR D 179 -11.11 9.85 -30.56
CA THR D 179 -11.63 8.73 -29.77
C THR D 179 -11.04 8.87 -28.36
N TYR D 180 -11.83 8.47 -27.39
CA TYR D 180 -11.57 8.61 -25.97
C TYR D 180 -11.69 7.22 -25.39
N SER D 181 -10.68 6.77 -24.67
CA SER D 181 -10.71 5.47 -24.07
C SER D 181 -10.34 5.55 -22.58
N ILE D 182 -11.32 5.26 -21.74
CA ILE D 182 -11.10 5.25 -20.30
C ILE D 182 -10.49 3.91 -19.93
N GLY D 183 -9.32 3.93 -19.30
CA GLY D 183 -8.64 2.69 -18.88
C GLY D 183 -7.93 2.86 -17.54
N GLY D 184 -7.76 1.76 -16.80
CA GLY D 184 -7.02 1.83 -15.53
C GLY D 184 -7.73 2.66 -14.48
N GLN D 185 -6.97 3.19 -13.54
CA GLN D 185 -7.58 3.78 -12.34
C GLN D 185 -7.88 5.27 -12.44
N ILE D 186 -7.03 6.01 -13.13
CA ILE D 186 -6.98 7.46 -12.95
C ILE D 186 -7.06 8.33 -14.21
N SER D 187 -7.13 7.71 -15.39
CA SER D 187 -6.92 8.44 -16.65
C SER D 187 -7.77 7.92 -17.79
N PHE D 188 -7.72 8.66 -18.90
CA PHE D 188 -8.23 8.21 -20.15
C PHE D 188 -7.32 8.68 -21.28
N ASP D 189 -7.32 7.96 -22.39
CA ASP D 189 -6.56 8.33 -23.57
C ASP D 189 -7.39 9.09 -24.57
N VAL D 190 -6.73 9.97 -25.31
CA VAL D 190 -7.32 10.74 -26.36
C VAL D 190 -6.43 10.63 -27.58
N PHE D 191 -7.01 10.20 -28.69
CA PHE D 191 -6.26 10.12 -29.93
C PHE D 191 -7.17 10.18 -31.15
N PRO D 192 -6.63 10.42 -32.35
CA PRO D 192 -7.46 10.43 -33.56
C PRO D 192 -8.12 9.08 -33.79
N THR D 193 -9.35 9.10 -34.26
CA THR D 193 -10.10 7.87 -34.46
C THR D 193 -9.31 6.99 -35.44
N GLY D 194 -9.21 5.72 -35.07
CA GLY D 194 -8.39 4.75 -35.80
C GLY D 194 -7.00 4.55 -35.29
N TRP D 195 -6.52 5.39 -34.36
CA TRP D 195 -5.15 5.30 -33.87
C TRP D 195 -5.04 4.40 -32.66
N ASP D 196 -5.89 3.38 -32.62
CA ASP D 196 -5.76 2.25 -31.68
C ASP D 196 -4.80 1.22 -32.27
N LYS D 197 -4.66 0.05 -31.65
CA LYS D 197 -3.66 -0.91 -32.16
C LYS D 197 -3.92 -1.40 -33.61
N THR D 198 -5.16 -1.28 -34.10
CA THR D 198 -5.46 -1.61 -35.52
C THR D 198 -4.69 -0.76 -36.51
N TYR D 199 -4.21 0.40 -36.05
CA TYR D 199 -3.43 1.26 -36.91
C TYR D 199 -2.24 0.53 -37.52
N CYS D 200 -1.58 -0.35 -36.74
CA CYS D 200 -0.40 -1.03 -37.26
C CYS D 200 -0.65 -1.93 -38.47
N LEU D 201 -1.89 -2.37 -38.65
CA LEU D 201 -2.20 -3.32 -39.70
C LEU D 201 -1.93 -2.77 -41.10
N ARG D 202 -1.90 -1.44 -41.24
CA ARG D 202 -1.57 -0.76 -42.51
C ARG D 202 -0.14 -1.13 -42.95
N HIS D 203 0.76 -1.28 -42.00
CA HIS D 203 2.18 -1.60 -42.29
C HIS D 203 2.29 -3.06 -42.73
N VAL D 204 1.46 -3.91 -42.13
CA VAL D 204 1.42 -5.33 -42.44
C VAL D 204 0.87 -5.52 -43.85
N GLU D 205 -0.22 -4.84 -44.14
CA GLU D 205 -0.82 -4.83 -45.46
C GLU D 205 0.11 -4.26 -46.54
N ALA D 206 0.84 -3.20 -46.22
CA ALA D 206 1.77 -2.60 -47.20
C ALA D 206 2.93 -3.52 -47.61
N GLU D 207 3.19 -4.61 -46.86
CA GLU D 207 4.24 -5.54 -47.23
C GLU D 207 4.07 -6.14 -48.62
N LYS D 208 2.83 -6.23 -49.05
CA LYS D 208 2.44 -6.68 -50.41
C LYS D 208 3.26 -5.97 -51.51
N GLU D 209 3.52 -4.69 -51.33
CA GLU D 209 4.19 -3.87 -52.34
C GLU D 209 5.69 -3.86 -52.14
N ILE D 210 6.19 -4.45 -51.06
CA ILE D 210 7.63 -4.50 -50.84
C ILE D 210 8.15 -5.87 -51.27
N SER D 211 7.93 -6.91 -50.46
CA SER D 211 8.45 -8.23 -50.77
C SER D 211 7.43 -9.00 -51.60
N GLY D 212 6.21 -8.55 -51.70
CA GLY D 212 5.15 -9.33 -52.37
C GLY D 212 4.35 -10.17 -51.40
N VAL D 213 4.76 -10.29 -50.14
CA VAL D 213 4.07 -11.14 -49.16
C VAL D 213 2.76 -10.50 -48.73
N GLU D 214 1.71 -11.30 -48.85
CA GLU D 214 0.36 -10.84 -48.56
C GLU D 214 -0.09 -11.53 -47.28
N TYR D 215 -0.16 -10.79 -46.18
CA TYR D 215 -0.44 -11.41 -44.88
C TYR D 215 -1.93 -11.61 -44.74
N THR D 216 -2.38 -12.85 -45.05
CA THR D 216 -3.78 -13.24 -44.90
C THR D 216 -4.05 -13.96 -43.58
N THR D 217 -3.02 -14.55 -42.97
CA THR D 217 -3.17 -15.09 -41.60
C THR D 217 -2.39 -14.16 -40.67
N ILE D 218 -3.12 -13.36 -39.91
CA ILE D 218 -2.53 -12.37 -38.99
C ILE D 218 -2.99 -12.75 -37.62
N HIS D 219 -2.13 -13.46 -36.88
CA HIS D 219 -2.40 -13.80 -35.52
C HIS D 219 -2.10 -12.60 -34.64
N PHE D 220 -2.98 -12.33 -33.69
CA PHE D 220 -2.74 -11.30 -32.72
C PHE D 220 -2.90 -11.88 -31.32
N PHE D 221 -1.95 -11.55 -30.44
CA PHE D 221 -1.97 -12.01 -29.06
C PHE D 221 -1.97 -10.77 -28.14
N GLY D 222 -2.86 -10.78 -27.17
CA GLY D 222 -3.01 -9.66 -26.25
C GLY D 222 -3.73 -10.11 -25.01
N ASP D 223 -3.51 -9.36 -23.94
CA ASP D 223 -4.12 -9.65 -22.66
C ASP D 223 -5.27 -8.72 -22.31
N LYS D 224 -5.54 -7.67 -23.08
CA LYS D 224 -6.67 -6.74 -22.80
C LYS D 224 -7.65 -6.75 -24.00
N CYS D 225 -8.17 -7.94 -24.31
CA CYS D 225 -9.01 -8.18 -25.50
C CYS D 225 -10.52 -8.00 -25.31
N PHE D 226 -10.89 -7.67 -24.09
CA PHE D 226 -12.28 -7.36 -23.67
C PHE D 226 -12.69 -5.94 -24.08
N PRO D 227 -14.00 -5.66 -24.29
CA PRO D 227 -14.40 -4.29 -24.63
C PRO D 227 -13.83 -3.26 -23.68
N GLY D 228 -13.26 -2.18 -24.22
CA GLY D 228 -12.58 -1.20 -23.38
C GLY D 228 -11.10 -1.42 -23.15
N GLY D 229 -10.61 -2.66 -23.31
CA GLY D 229 -9.15 -2.94 -23.26
C GLY D 229 -8.46 -2.42 -24.50
N ASN D 230 -7.17 -2.12 -24.39
CA ASN D 230 -6.35 -1.67 -25.54
C ASN D 230 -6.12 -2.67 -26.69
N ASP D 231 -6.40 -3.95 -26.45
CA ASP D 231 -6.25 -4.96 -27.47
C ASP D 231 -7.59 -5.31 -28.12
N TYR D 232 -8.69 -4.69 -27.71
CA TYR D 232 -10.03 -5.09 -28.10
C TYR D 232 -10.25 -4.95 -29.61
N GLU D 233 -9.88 -3.82 -30.19
CA GLU D 233 -10.17 -3.56 -31.57
C GLU D 233 -9.33 -4.44 -32.48
N ILE D 234 -8.06 -4.60 -32.17
CA ILE D 234 -7.17 -5.42 -33.02
C ILE D 234 -7.54 -6.91 -32.89
N TYR D 235 -7.92 -7.33 -31.69
CA TYR D 235 -8.46 -8.67 -31.47
C TYR D 235 -9.75 -8.96 -32.26
N SER D 236 -10.67 -8.01 -32.26
CA SER D 236 -11.99 -8.17 -32.87
C SER D 236 -11.99 -7.95 -34.35
N ASP D 237 -10.97 -7.31 -34.88
CA ASP D 237 -10.92 -6.93 -36.27
C ASP D 237 -10.96 -8.22 -37.12
N PRO D 238 -11.80 -8.26 -38.16
CA PRO D 238 -11.89 -9.52 -38.96
C PRO D 238 -10.60 -9.89 -39.71
N ARG D 239 -9.66 -8.97 -39.85
CA ARG D 239 -8.37 -9.26 -40.43
C ARG D 239 -7.46 -10.14 -39.55
N THR D 240 -7.75 -10.24 -38.26
CA THR D 240 -6.91 -10.99 -37.36
C THR D 240 -7.57 -12.22 -36.86
N ILE D 241 -6.74 -13.21 -36.55
CA ILE D 241 -7.09 -14.30 -35.68
C ILE D 241 -6.59 -13.89 -34.30
N GLY D 242 -7.51 -13.47 -33.47
CA GLY D 242 -7.22 -13.00 -32.15
C GLY D 242 -7.03 -14.14 -31.17
N HIS D 243 -6.05 -13.98 -30.30
CA HIS D 243 -5.78 -14.89 -29.18
C HIS D 243 -5.67 -14.09 -27.88
N SER D 244 -6.53 -14.37 -26.94
CA SER D 244 -6.56 -13.72 -25.64
C SER D 244 -5.66 -14.50 -24.67
N VAL D 245 -4.77 -13.78 -23.97
CA VAL D 245 -3.81 -14.39 -23.04
C VAL D 245 -3.91 -13.80 -21.63
N HIS D 246 -3.61 -14.60 -20.62
CA HIS D 246 -3.65 -14.13 -19.22
C HIS D 246 -2.28 -13.59 -18.82
N GLY D 247 -1.25 -13.94 -19.57
CA GLY D 247 0.12 -13.54 -19.26
C GLY D 247 1.08 -14.29 -20.18
N PRO D 248 2.38 -14.04 -20.03
CA PRO D 248 3.38 -14.64 -20.93
C PRO D 248 3.46 -16.16 -20.90
N GLU D 249 3.14 -16.78 -19.79
CA GLU D 249 3.11 -18.24 -19.71
C GLU D 249 2.00 -18.75 -20.61
N ASP D 250 0.86 -18.09 -20.56
CA ASP D 250 -0.27 -18.44 -21.37
C ASP D 250 0.07 -18.22 -22.87
N THR D 251 0.72 -17.10 -23.19
CA THR D 251 1.20 -16.82 -24.54
C THR D 251 2.08 -17.98 -25.10
N MET D 252 3.06 -18.41 -24.32
CA MET D 252 3.93 -19.50 -24.72
C MET D 252 3.17 -20.82 -24.97
N LYS D 253 2.30 -21.17 -24.05
CA LYS D 253 1.45 -22.35 -24.18
C LYS D 253 0.64 -22.31 -25.48
N GLN D 254 -0.03 -21.19 -25.76
CA GLN D 254 -0.88 -21.06 -26.96
C GLN D 254 -0.05 -21.10 -28.23
N LEU D 255 1.11 -20.44 -28.23
CA LEU D 255 2.00 -20.43 -29.38
C LEU D 255 2.50 -21.84 -29.73
N LYS D 256 2.94 -22.56 -28.70
CA LYS D 256 3.39 -23.92 -28.88
C LYS D 256 2.31 -24.83 -29.48
N GLU D 257 1.06 -24.68 -29.00
CA GLU D 257 -0.10 -25.42 -29.59
C GLU D 257 -0.36 -24.97 -31.01
N LEU D 258 -0.36 -23.65 -31.20
CA LEU D 258 -0.71 -23.05 -32.50
C LEU D 258 0.25 -23.47 -33.65
N PHE D 259 1.54 -23.63 -33.35
CA PHE D 259 2.54 -23.91 -34.34
C PHE D 259 3.33 -25.22 -34.15
N GLN D 260 2.89 -26.10 -33.26
CA GLN D 260 3.60 -27.37 -32.95
C GLN D 260 5.09 -27.17 -32.60
N LEU D 261 5.32 -26.27 -31.65
CA LEU D 261 6.69 -25.80 -31.31
C LEU D 261 7.27 -26.34 -30.01
#